data_7P9V
#
_entry.id   7P9V
#
_cell.length_a   1.00
_cell.length_b   1.00
_cell.length_c   1.00
_cell.angle_alpha   90.00
_cell.angle_beta   90.00
_cell.angle_gamma   90.00
#
_symmetry.space_group_name_H-M   'P 1'
#
loop_
_entity.id
_entity.type
_entity.pdbx_description
1 polymer '4F2 cell-surface antigen heavy chain'
2 polymer 'Cystine/glutamate transporter'
3 branched 2-acetamido-2-deoxy-beta-D-glucopyranose-(1-4)-2-acetamido-2-deoxy-beta-D-glucopyranose
#
loop_
_entity_poly.entity_id
_entity_poly.type
_entity_poly.pdbx_seq_one_letter_code
_entity_poly.pdbx_strand_id
1 'polypeptide(L)'
;MHHHHHHHHELQPPEASIAVVSIPRQLPGSHSEAGVQGLSAGDDSELGSHCVAQTGLELLASGDPLPSASQNAEMIETGS
DCVTQAGLQLLASSDPPALASKNAEVTGTMSQDTEVDMKEVELNELEPEKQPMNAASGAAMSLAGAEKNGLVKIKVAEDE
AEAAAAAKFTGLSKEELLKVAGSPGWVRTRWALLLLFWLGWLGMLAGAVVIIVRAPRCRELPAQKWWHTGALYRIGDLQA
FQGHGAGNLAGLKGRLDYLSSLKVKGLVLGPIHKNQKDDVAQTDLLQIDPNFGSKEDFDSLLQSAKKKSIRVILDLTPNY
RGENSWFSTQVDTVATKVKDALEFWLQAGVDGFQVRDIENLKDASSFLAEWQNITKGFSEDRLLIAGTNSSDLQQILSLL
ESNKDLLLTSSYLSDSGSTGEHTKSLVTQYLNATGNRWCSWSLSQARLLTSFLPAQLLRLYQLMLFTLPGTPVFSYGDEI
GLDAAALPGQPMEAPVMLWDESSFPDIPGAVSANMTVKGQSEDPGSLLSLFRRLSDQRSKERSLLHGDFHAFSAGPGLFS
YIRHWDQNERFLVVLNFGDVGLSAGLQASDLPASASLPAKADLLLSTQPGREEGSPLELERLKLEPHEGLLLRFPYAA
;
A
2 'polypeptide(L)'
;MDYKDDDDKVRKPVVSTISKGGYLQGNVNGRLPSLGNKEPPGQEKVQLKRKVTLLRGVSIIIGTIIGAGIFISPKGVLQN
TGSVGMSLTIWTVCGVLSLFGALSYAELGTTIKKSGGHYTYILEVFGPLPAFVRVWVELLIIRPAATAVISLAFGRYILE
PFFIQCEIPELAIKLITAVGITVVMVLNSMSVSWSARIQIFLTFCKLTAILIIIVPGVMQLIKGQTQNFKDAFSGRDSSI
TRLPLAFYYGMYAYAGWFYLNFVTEEVENPEKTIPLAICISMAIVTIGYVLTNVAYFTTINAEELLLSNAVAVTFSERLL
GNFSLAVPIFVALSCFGSMNGGVFAVSRLFYVASREGHLPEILSMIHVRKHTPLPAVIVLHPLTMIMLFSGDLDSLLNFL
SFARWLFIGLAVAGLIYLRYKCPDMHRPFKVPLFIPALFSFTCLFMVALSLYSDPFSTGIGFVITLTGVPAYYLFIIWDK
KPRWFRIMSEKITRTLQIILEVVPEEDKL
;
B
#
loop_
_chem_comp.id
_chem_comp.type
_chem_comp.name
_chem_comp.formula
NAG D-saccharide, beta linking 2-acetamido-2-deoxy-beta-D-glucopyranose 'C8 H15 N O6'
#
# COMPACT_ATOMS: atom_id res chain seq x y z
N GLU A 175 43.17 18.85 -30.49
CA GLU A 175 43.30 17.56 -29.82
C GLU A 175 44.71 17.36 -29.30
N GLU A 176 45.71 17.69 -30.13
CA GLU A 176 47.09 17.57 -29.70
C GLU A 176 47.47 18.69 -28.74
N LEU A 177 46.83 19.86 -28.87
CA LEU A 177 47.10 20.96 -27.94
C LEU A 177 46.60 20.62 -26.54
N LEU A 178 45.55 19.81 -26.45
CA LEU A 178 45.13 19.30 -25.16
C LEU A 178 46.13 18.31 -24.59
N LYS A 179 46.78 17.53 -25.46
CA LYS A 179 47.74 16.54 -24.97
C LYS A 179 48.92 17.21 -24.28
N VAL A 180 49.50 18.22 -24.92
CA VAL A 180 50.65 18.89 -24.32
C VAL A 180 50.24 19.63 -23.06
N ALA A 181 48.97 20.03 -22.96
CA ALA A 181 48.53 20.79 -21.81
C ALA A 181 48.25 19.92 -20.59
N GLY A 182 48.15 18.60 -20.76
CA GLY A 182 48.09 17.68 -19.63
C GLY A 182 49.46 17.31 -19.13
N SER A 183 50.11 18.19 -18.38
CA SER A 183 51.52 18.02 -18.05
C SER A 183 51.82 18.66 -16.69
N PRO A 184 53.06 18.57 -16.17
CA PRO A 184 53.35 19.14 -14.85
C PRO A 184 52.80 20.54 -14.67
N GLY A 185 52.27 20.79 -13.47
CA GLY A 185 51.79 22.09 -13.08
C GLY A 185 50.29 22.26 -13.08
N TRP A 186 49.61 21.72 -14.10
CA TRP A 186 48.15 21.74 -14.11
C TRP A 186 47.57 20.33 -13.99
N VAL A 187 48.41 19.29 -14.01
CA VAL A 187 47.96 17.94 -13.72
C VAL A 187 47.85 17.73 -12.23
N ARG A 188 48.66 18.46 -11.47
CA ARG A 188 48.59 18.45 -10.02
C ARG A 188 47.19 18.84 -9.55
N THR A 189 46.57 19.80 -10.24
CA THR A 189 45.20 20.16 -9.95
C THR A 189 44.25 19.02 -10.30
N ARG A 190 44.49 18.35 -11.43
CA ARG A 190 43.55 17.34 -11.90
C ARG A 190 43.39 16.22 -10.90
N TRP A 191 44.51 15.70 -10.36
CA TRP A 191 44.43 14.65 -9.36
C TRP A 191 43.68 15.12 -8.13
N ALA A 192 43.95 16.34 -7.67
CA ALA A 192 43.30 16.83 -6.46
C ALA A 192 41.80 16.95 -6.64
N LEU A 193 41.34 17.30 -7.83
CA LEU A 193 39.90 17.39 -8.04
C LEU A 193 39.20 16.05 -7.81
N LEU A 194 39.70 14.97 -8.43
CA LEU A 194 39.01 13.71 -8.17
C LEU A 194 39.37 13.12 -6.83
N LEU A 195 40.45 13.57 -6.20
CA LEU A 195 40.72 13.18 -4.82
C LEU A 195 39.66 13.75 -3.88
N LEU A 196 39.39 15.05 -4.00
CA LEU A 196 38.30 15.64 -3.23
C LEU A 196 36.96 15.04 -3.60
N PHE A 197 36.76 14.71 -4.87
CA PHE A 197 35.50 14.09 -5.28
C PHE A 197 35.33 12.73 -4.62
N TRP A 198 36.39 11.93 -4.56
CA TRP A 198 36.27 10.62 -3.92
C TRP A 198 36.13 10.74 -2.41
N LEU A 199 36.82 11.70 -1.79
CA LEU A 199 36.60 11.93 -0.37
C LEU A 199 35.16 12.29 -0.11
N GLY A 200 34.57 13.14 -0.95
CA GLY A 200 33.18 13.49 -0.79
C GLY A 200 32.25 12.31 -1.01
N TRP A 201 32.57 11.44 -1.96
CA TRP A 201 31.70 10.30 -2.21
C TRP A 201 31.77 9.27 -1.09
N LEU A 202 32.98 8.97 -0.61
CA LEU A 202 33.11 8.12 0.56
C LEU A 202 32.47 8.78 1.79
N GLY A 203 32.49 10.10 1.86
CA GLY A 203 31.80 10.77 2.94
C GLY A 203 30.30 10.58 2.86
N MET A 204 29.74 10.67 1.65
CA MET A 204 28.32 10.43 1.48
C MET A 204 27.98 8.99 1.85
N LEU A 205 28.80 8.03 1.41
CA LEU A 205 28.53 6.63 1.71
C LEU A 205 28.63 6.35 3.21
N ALA A 206 29.67 6.90 3.86
CA ALA A 206 29.85 6.67 5.29
C ALA A 206 28.76 7.35 6.10
N GLY A 207 28.35 8.55 5.70
CA GLY A 207 27.22 9.17 6.37
C GLY A 207 25.96 8.35 6.20
N ALA A 208 25.77 7.76 5.02
CA ALA A 208 24.60 6.91 4.81
C ALA A 208 24.63 5.71 5.73
N VAL A 209 25.78 5.03 5.84
CA VAL A 209 25.83 3.83 6.67
C VAL A 209 25.73 4.19 8.14
N VAL A 210 26.24 5.36 8.54
CA VAL A 210 26.08 5.80 9.92
C VAL A 210 24.61 6.08 10.22
N ILE A 211 23.91 6.74 9.31
CA ILE A 211 22.48 6.97 9.49
C ILE A 211 21.74 5.65 9.57
N ILE A 212 22.18 4.65 8.79
CA ILE A 212 21.62 3.31 8.92
C ILE A 212 21.86 2.77 10.33
N VAL A 213 23.07 2.96 10.85
CA VAL A 213 23.40 2.48 12.19
C VAL A 213 22.64 3.27 13.26
N ARG A 214 22.64 4.60 13.14
CA ARG A 214 22.02 5.44 14.16
C ARG A 214 20.52 5.19 14.24
N ALA A 215 19.87 4.95 13.11
CA ALA A 215 18.42 4.84 13.10
C ALA A 215 17.97 3.67 13.97
N PRO A 216 16.89 3.82 14.73
CA PRO A 216 16.46 2.76 15.65
C PRO A 216 15.96 1.54 14.89
N ARG A 217 16.57 0.39 15.18
CA ARG A 217 16.10 -0.86 14.61
C ARG A 217 14.87 -1.34 15.37
N CYS A 218 13.79 -1.63 14.66
CA CYS A 218 12.54 -2.00 15.29
C CYS A 218 12.57 -3.48 15.71
N ARG A 219 11.65 -3.82 16.60
CA ARG A 219 11.48 -5.21 17.03
C ARG A 219 10.90 -6.03 15.89
N GLU A 220 10.78 -7.33 16.12
CA GLU A 220 10.27 -8.26 15.12
C GLU A 220 8.78 -8.49 15.34
N LEU A 221 8.06 -8.69 14.24
CA LEU A 221 6.64 -8.98 14.31
C LEU A 221 6.44 -10.38 14.90
N PRO A 222 5.64 -10.53 15.96
CA PRO A 222 5.58 -11.81 16.69
C PRO A 222 4.70 -12.88 16.04
N ALA A 223 4.79 -13.01 14.72
CA ALA A 223 4.20 -14.13 13.97
C ALA A 223 2.73 -14.32 14.31
N GLN A 224 1.93 -13.32 13.95
CA GLN A 224 0.52 -13.32 14.31
C GLN A 224 -0.25 -14.38 13.54
N LYS A 225 -1.09 -15.13 14.25
CA LYS A 225 -1.99 -16.08 13.61
C LYS A 225 -3.17 -15.33 13.01
N TRP A 226 -4.14 -16.08 12.48
CA TRP A 226 -5.32 -15.44 11.90
C TRP A 226 -6.27 -14.93 12.97
N TRP A 227 -6.48 -15.70 14.03
CA TRP A 227 -7.38 -15.27 15.09
C TRP A 227 -6.76 -14.19 15.98
N HIS A 228 -5.46 -13.93 15.82
CA HIS A 228 -4.81 -12.83 16.50
C HIS A 228 -5.12 -11.49 15.86
N THR A 229 -5.76 -11.47 14.70
CA THR A 229 -5.91 -10.26 13.91
C THR A 229 -7.29 -9.62 14.03
N GLY A 230 -8.36 -10.41 14.07
CA GLY A 230 -9.69 -9.85 14.12
C GLY A 230 -10.58 -10.61 15.07
N ALA A 231 -11.81 -10.13 15.18
CA ALA A 231 -12.77 -10.72 16.09
C ALA A 231 -13.32 -12.03 15.54
N LEU A 232 -13.73 -12.90 16.46
CA LEU A 232 -14.49 -14.09 16.11
C LEU A 232 -15.98 -13.78 16.16
N TYR A 233 -16.79 -14.72 15.69
CA TYR A 233 -18.22 -14.48 15.56
C TYR A 233 -18.97 -15.79 15.78
N ARG A 234 -19.47 -15.98 17.01
CA ARG A 234 -20.25 -17.17 17.31
C ARG A 234 -21.59 -17.14 16.59
N ILE A 235 -22.02 -18.32 16.14
CA ILE A 235 -23.32 -18.47 15.50
C ILE A 235 -24.01 -19.69 16.07
N GLY A 236 -24.86 -19.50 17.08
CA GLY A 236 -25.41 -20.62 17.80
C GLY A 236 -26.54 -21.34 17.09
N ASP A 237 -27.66 -20.65 16.87
CA ASP A 237 -28.83 -21.22 16.24
C ASP A 237 -28.88 -20.77 14.79
N LEU A 238 -28.81 -21.73 13.86
CA LEU A 238 -28.86 -21.37 12.45
C LEU A 238 -30.27 -20.98 12.03
N GLN A 239 -31.29 -21.73 12.49
CA GLN A 239 -32.65 -21.38 12.15
C GLN A 239 -33.06 -20.02 12.69
N ALA A 240 -32.34 -19.50 13.68
CA ALA A 240 -32.59 -18.15 14.19
C ALA A 240 -31.68 -17.12 13.54
N PHE A 241 -30.47 -17.52 13.14
CA PHE A 241 -29.61 -16.61 12.39
C PHE A 241 -30.03 -16.54 10.93
N GLN A 242 -30.57 -17.64 10.39
CA GLN A 242 -31.04 -17.64 9.01
C GLN A 242 -32.50 -17.20 8.92
N GLY A 243 -33.37 -17.80 9.73
CA GLY A 243 -34.80 -17.55 9.65
C GLY A 243 -35.58 -18.82 9.84
N HIS A 244 -36.80 -18.72 10.38
CA HIS A 244 -37.60 -19.90 10.68
C HIS A 244 -37.85 -20.69 9.39
N GLY A 245 -37.57 -21.99 9.45
CA GLY A 245 -37.79 -22.85 8.30
C GLY A 245 -36.69 -22.78 7.25
N ALA A 246 -36.12 -21.59 7.06
CA ALA A 246 -35.12 -21.39 6.03
C ALA A 246 -33.73 -21.84 6.46
N GLY A 247 -33.55 -22.25 7.71
CA GLY A 247 -32.23 -22.60 8.21
C GLY A 247 -31.59 -23.79 7.55
N ASN A 248 -30.40 -23.59 6.98
CA ASN A 248 -29.61 -24.68 6.41
C ASN A 248 -28.18 -24.18 6.24
N LEU A 249 -27.26 -25.12 6.06
CA LEU A 249 -25.86 -24.76 5.91
C LEU A 249 -25.60 -24.00 4.62
N ALA A 250 -26.38 -24.28 3.57
CA ALA A 250 -26.19 -23.60 2.30
C ALA A 250 -26.44 -22.10 2.43
N GLY A 251 -27.49 -21.73 3.18
CA GLY A 251 -27.84 -20.32 3.29
C GLY A 251 -26.73 -19.46 3.86
N LEU A 252 -25.82 -20.06 4.63
CA LEU A 252 -24.71 -19.30 5.18
C LEU A 252 -23.86 -18.67 4.08
N LYS A 253 -23.90 -19.25 2.88
CA LYS A 253 -23.22 -18.61 1.75
C LYS A 253 -23.86 -17.29 1.39
N GLY A 254 -25.17 -17.14 1.62
CA GLY A 254 -25.84 -15.90 1.25
C GLY A 254 -25.34 -14.71 2.06
N ARG A 255 -25.15 -14.90 3.36
CA ARG A 255 -24.75 -13.82 4.26
C ARG A 255 -23.30 -13.92 4.68
N LEU A 256 -22.52 -14.78 4.03
CA LEU A 256 -21.09 -14.80 4.27
C LEU A 256 -20.44 -13.47 3.88
N ASP A 257 -20.98 -12.79 2.87
CA ASP A 257 -20.51 -11.45 2.54
C ASP A 257 -20.86 -10.46 3.64
N TYR A 258 -22.02 -10.60 4.28
CA TYR A 258 -22.32 -9.76 5.43
C TYR A 258 -21.32 -10.00 6.55
N LEU A 259 -21.02 -11.27 6.83
CA LEU A 259 -20.05 -11.58 7.87
C LEU A 259 -18.68 -11.00 7.54
N SER A 260 -18.26 -11.09 6.28
CA SER A 260 -17.01 -10.48 5.87
C SER A 260 -17.08 -8.96 5.88
N SER A 261 -18.30 -8.38 5.85
CA SER A 261 -18.43 -6.94 5.97
C SER A 261 -18.03 -6.46 7.36
N LEU A 262 -18.35 -7.24 8.39
CA LEU A 262 -17.94 -6.94 9.75
C LEU A 262 -16.46 -7.12 9.98
N LYS A 263 -15.72 -7.59 8.98
CA LYS A 263 -14.27 -7.81 9.06
C LYS A 263 -13.92 -8.84 10.14
N VAL A 264 -14.82 -9.77 10.40
CA VAL A 264 -14.55 -10.85 11.35
C VAL A 264 -13.54 -11.78 10.69
N LYS A 265 -12.94 -12.65 11.48
CA LYS A 265 -11.97 -13.62 10.96
C LYS A 265 -12.35 -15.06 11.27
N GLY A 266 -13.47 -15.28 11.94
CA GLY A 266 -13.89 -16.64 12.24
C GLY A 266 -15.39 -16.71 12.41
N LEU A 267 -15.89 -17.95 12.38
CA LEU A 267 -17.32 -18.21 12.58
C LEU A 267 -17.43 -19.46 13.45
N VAL A 268 -17.65 -19.29 14.74
CA VAL A 268 -17.92 -20.44 15.58
C VAL A 268 -19.30 -20.93 15.22
N LEU A 269 -19.36 -21.94 14.37
CA LEU A 269 -20.61 -22.44 13.80
C LEU A 269 -20.87 -23.84 14.30
N GLY A 270 -22.03 -24.04 14.93
CA GLY A 270 -22.39 -25.34 15.41
C GLY A 270 -23.02 -25.29 16.78
N PRO A 271 -23.24 -26.45 17.39
CA PRO A 271 -22.89 -27.77 16.87
C PRO A 271 -23.91 -28.30 15.87
N ILE A 272 -23.44 -28.65 14.68
CA ILE A 272 -24.31 -29.08 13.60
C ILE A 272 -24.19 -30.59 13.35
N HIS A 273 -23.73 -31.34 14.33
CA HIS A 273 -23.59 -32.77 14.19
C HIS A 273 -24.87 -33.49 14.62
N LYS A 274 -24.97 -34.76 14.28
CA LYS A 274 -26.15 -35.55 14.59
C LYS A 274 -26.24 -35.76 16.09
N ASN A 275 -27.32 -35.27 16.70
CA ASN A 275 -27.53 -35.36 18.14
C ASN A 275 -29.03 -35.55 18.38
N GLN A 276 -29.45 -36.80 18.52
CA GLN A 276 -30.86 -37.04 18.76
C GLN A 276 -31.32 -36.42 20.08
N LYS A 277 -30.90 -37.02 21.20
CA LYS A 277 -31.14 -36.43 22.52
C LYS A 277 -30.47 -37.26 23.61
N ASP A 278 -29.77 -36.59 24.53
CA ASP A 278 -29.45 -37.13 25.85
C ASP A 278 -28.84 -38.53 25.84
N ASP A 279 -28.39 -39.00 24.69
CA ASP A 279 -27.90 -40.37 24.55
C ASP A 279 -26.48 -40.34 24.01
N VAL A 280 -25.63 -41.18 24.59
CA VAL A 280 -24.21 -41.19 24.25
C VAL A 280 -23.94 -42.04 23.01
N ALA A 281 -24.66 -43.15 22.86
CA ALA A 281 -24.47 -44.01 21.69
C ALA A 281 -25.28 -43.53 20.48
N GLN A 282 -26.22 -42.61 20.68
CA GLN A 282 -27.05 -42.06 19.61
C GLN A 282 -26.71 -40.59 19.35
N THR A 283 -25.43 -40.24 19.49
CA THR A 283 -24.98 -38.89 19.24
C THR A 283 -23.55 -38.96 18.72
N ASP A 284 -23.37 -38.77 17.42
CA ASP A 284 -22.07 -38.90 16.80
C ASP A 284 -21.59 -37.55 16.31
N LEU A 285 -20.35 -37.20 16.64
CA LEU A 285 -19.77 -35.96 16.16
C LEU A 285 -19.46 -36.01 14.67
N LEU A 286 -19.02 -37.15 14.17
CA LEU A 286 -18.63 -37.31 12.78
C LEU A 286 -19.84 -37.39 11.85
N GLN A 287 -21.05 -37.39 12.39
CA GLN A 287 -22.27 -37.40 11.60
C GLN A 287 -22.89 -36.00 11.64
N ILE A 288 -22.63 -35.24 10.58
CA ILE A 288 -23.35 -34.02 10.24
C ILE A 288 -24.86 -34.17 10.38
N ASP A 289 -25.51 -33.18 10.97
CA ASP A 289 -26.96 -33.21 11.14
C ASP A 289 -27.64 -32.92 9.81
N PRO A 290 -28.51 -33.79 9.31
CA PRO A 290 -29.18 -33.52 8.03
C PRO A 290 -30.02 -32.26 8.02
N ASN A 291 -30.58 -31.86 9.16
CA ASN A 291 -31.54 -30.75 9.18
C ASN A 291 -30.90 -29.44 8.72
N PHE A 292 -29.60 -29.28 8.96
CA PHE A 292 -28.89 -28.12 8.46
C PHE A 292 -28.35 -28.34 7.05
N GLY A 293 -28.46 -29.54 6.51
CA GLY A 293 -27.86 -29.89 5.25
C GLY A 293 -26.60 -30.70 5.46
N SER A 294 -26.36 -31.65 4.54
CA SER A 294 -25.26 -32.58 4.69
C SER A 294 -23.96 -31.97 4.18
N LYS A 295 -22.94 -32.81 4.01
CA LYS A 295 -21.59 -32.35 3.72
C LYS A 295 -21.45 -31.80 2.32
N GLU A 296 -22.42 -32.05 1.44
CA GLU A 296 -22.40 -31.43 0.12
C GLU A 296 -22.39 -29.92 0.26
N ASP A 297 -23.23 -29.38 1.15
CA ASP A 297 -23.23 -27.94 1.41
C ASP A 297 -22.03 -27.55 2.27
N PHE A 298 -21.47 -28.49 3.03
CA PHE A 298 -20.39 -28.17 3.97
C PHE A 298 -19.08 -27.94 3.22
N ASP A 299 -18.81 -28.76 2.19
CA ASP A 299 -17.62 -28.55 1.37
C ASP A 299 -17.67 -27.20 0.68
N SER A 300 -18.83 -26.86 0.11
CA SER A 300 -19.01 -25.53 -0.47
C SER A 300 -18.87 -24.45 0.57
N LEU A 301 -19.36 -24.69 1.79
CA LEU A 301 -19.18 -23.75 2.89
C LEU A 301 -17.72 -23.41 3.08
N LEU A 302 -16.88 -24.44 3.24
CA LEU A 302 -15.45 -24.20 3.42
C LEU A 302 -14.83 -23.53 2.20
N GLN A 303 -15.17 -24.00 1.00
CA GLN A 303 -14.52 -23.49 -0.21
C GLN A 303 -14.84 -22.01 -0.41
N SER A 304 -16.08 -21.60 -0.16
CA SER A 304 -16.43 -20.20 -0.31
C SER A 304 -16.07 -19.37 0.92
N ALA A 305 -15.81 -20.01 2.05
CA ALA A 305 -15.32 -19.26 3.20
C ALA A 305 -13.84 -18.91 3.03
N LYS A 306 -13.08 -19.79 2.39
CA LYS A 306 -11.64 -19.57 2.27
C LYS A 306 -11.32 -18.31 1.48
N LYS A 307 -12.04 -18.06 0.39
CA LYS A 307 -11.69 -16.92 -0.47
C LYS A 307 -11.91 -15.58 0.21
N LYS A 308 -12.87 -15.50 1.13
CA LYS A 308 -13.07 -14.28 1.90
C LYS A 308 -12.25 -14.24 3.18
N SER A 309 -11.40 -15.24 3.40
CA SER A 309 -10.56 -15.32 4.59
C SER A 309 -11.40 -15.30 5.86
N ILE A 310 -12.49 -16.06 5.84
CA ILE A 310 -13.38 -16.19 6.98
C ILE A 310 -13.33 -17.65 7.40
N ARG A 311 -12.42 -17.97 8.31
CA ARG A 311 -12.12 -19.36 8.65
C ARG A 311 -13.19 -19.91 9.59
N VAL A 312 -13.56 -21.16 9.39
CA VAL A 312 -14.70 -21.77 10.08
C VAL A 312 -14.20 -22.52 11.31
N ILE A 313 -14.97 -22.43 12.39
CA ILE A 313 -14.71 -23.12 13.64
C ILE A 313 -15.99 -23.84 14.06
N LEU A 314 -15.88 -25.09 14.46
CA LEU A 314 -17.04 -25.94 14.69
C LEU A 314 -17.07 -26.35 16.16
N ASP A 315 -18.22 -26.14 16.80
CA ASP A 315 -18.40 -26.58 18.18
C ASP A 315 -18.72 -28.07 18.22
N LEU A 316 -18.17 -28.75 19.23
CA LEU A 316 -18.41 -30.19 19.37
C LEU A 316 -19.06 -30.53 20.70
N THR A 317 -19.85 -29.64 21.26
CA THR A 317 -20.53 -29.96 22.51
C THR A 317 -21.53 -31.08 22.26
N PRO A 318 -21.25 -32.32 22.66
CA PRO A 318 -22.04 -33.45 22.13
C PRO A 318 -23.51 -33.38 22.49
N ASN A 319 -23.85 -33.28 23.78
CA ASN A 319 -25.24 -33.23 24.20
C ASN A 319 -25.73 -31.78 24.23
N TYR A 320 -25.60 -31.10 23.11
CA TYR A 320 -26.02 -29.71 23.02
C TYR A 320 -27.54 -29.56 22.97
N ARG A 321 -28.29 -30.65 23.18
CA ARG A 321 -29.74 -30.59 23.23
C ARG A 321 -30.29 -31.16 24.52
N GLY A 322 -29.50 -31.21 25.59
CA GLY A 322 -29.96 -31.75 26.85
C GLY A 322 -29.85 -30.76 28.01
N GLU A 323 -30.19 -31.22 29.22
CA GLU A 323 -30.14 -30.35 30.38
C GLU A 323 -28.73 -29.85 30.64
N ASN A 324 -27.74 -30.75 30.53
CA ASN A 324 -26.34 -30.42 30.71
C ASN A 324 -25.62 -30.59 29.39
N SER A 325 -24.71 -29.65 29.08
CA SER A 325 -24.09 -29.63 27.76
C SER A 325 -23.27 -30.89 27.50
N TRP A 326 -22.65 -31.45 28.53
CA TRP A 326 -21.93 -32.70 28.39
C TRP A 326 -22.79 -33.84 28.95
N PHE A 327 -22.50 -35.05 28.49
CA PHE A 327 -23.32 -36.20 28.87
C PHE A 327 -23.27 -36.41 30.39
N SER A 328 -24.26 -37.16 30.87
CA SER A 328 -24.57 -37.18 32.29
C SER A 328 -23.77 -38.21 33.07
N THR A 329 -23.96 -39.50 32.76
CA THR A 329 -23.29 -40.54 33.55
C THR A 329 -21.79 -40.42 33.45
N GLN A 330 -21.24 -40.71 32.27
CA GLN A 330 -19.88 -40.33 31.90
C GLN A 330 -19.70 -40.53 30.40
N VAL A 331 -19.38 -39.46 29.68
CA VAL A 331 -18.96 -39.63 28.30
C VAL A 331 -17.44 -39.74 28.27
N ASP A 332 -16.94 -40.94 28.56
CA ASP A 332 -15.50 -41.15 28.52
C ASP A 332 -15.00 -41.18 27.08
N THR A 333 -15.88 -41.51 26.14
CA THR A 333 -15.51 -41.61 24.73
C THR A 333 -15.09 -40.29 24.13
N VAL A 334 -15.08 -39.21 24.91
CA VAL A 334 -14.59 -37.93 24.38
C VAL A 334 -13.13 -38.05 23.98
N ALA A 335 -12.33 -38.77 24.76
CA ALA A 335 -10.95 -39.01 24.36
C ALA A 335 -10.86 -39.89 23.12
N THR A 336 -11.97 -40.57 22.77
CA THR A 336 -12.01 -41.34 21.53
C THR A 336 -12.77 -40.61 20.44
N LYS A 337 -14.04 -40.28 20.70
CA LYS A 337 -14.91 -39.67 19.70
C LYS A 337 -14.46 -38.27 19.33
N VAL A 338 -14.21 -37.42 20.33
CA VAL A 338 -13.79 -36.06 20.06
C VAL A 338 -12.39 -36.08 19.44
N LYS A 339 -11.58 -37.07 19.81
CA LYS A 339 -10.26 -37.19 19.20
C LYS A 339 -10.36 -37.51 17.71
N ASP A 340 -11.20 -38.49 17.37
CA ASP A 340 -11.44 -38.79 15.97
C ASP A 340 -12.03 -37.59 15.24
N ALA A 341 -12.80 -36.76 15.96
CA ALA A 341 -13.31 -35.53 15.35
C ALA A 341 -12.18 -34.54 15.08
N LEU A 342 -11.33 -34.28 16.07
CA LEU A 342 -10.16 -33.41 15.92
C LEU A 342 -9.16 -33.94 14.96
N GLU A 343 -9.31 -35.16 14.49
CA GLU A 343 -8.52 -35.52 13.31
C GLU A 343 -9.32 -35.41 12.01
N PHE A 344 -10.52 -35.99 11.96
CA PHE A 344 -11.29 -36.05 10.72
C PHE A 344 -11.64 -34.67 10.20
N TRP A 345 -12.14 -33.79 11.08
CA TRP A 345 -12.58 -32.48 10.61
C TRP A 345 -11.41 -31.57 10.33
N LEU A 346 -10.30 -31.70 11.07
CA LEU A 346 -9.08 -31.02 10.68
C LEU A 346 -8.58 -31.48 9.32
N GLN A 347 -8.87 -32.74 8.96
CA GLN A 347 -8.63 -33.16 7.58
C GLN A 347 -9.52 -32.38 6.60
N ALA A 348 -10.77 -32.12 6.99
CA ALA A 348 -11.68 -31.39 6.11
C ALA A 348 -11.24 -29.95 5.91
N GLY A 349 -10.67 -29.33 6.95
CA GLY A 349 -10.20 -27.97 6.81
C GLY A 349 -10.89 -26.95 7.69
N VAL A 350 -11.32 -27.36 8.88
CA VAL A 350 -11.89 -26.43 9.84
C VAL A 350 -10.77 -25.88 10.72
N ASP A 351 -10.64 -24.56 10.77
CA ASP A 351 -9.53 -23.92 11.46
C ASP A 351 -9.88 -23.68 12.92
N GLY A 352 -9.96 -24.77 13.65
CA GLY A 352 -10.16 -24.74 15.09
C GLY A 352 -11.46 -25.39 15.51
N PHE A 353 -11.68 -25.37 16.82
CA PHE A 353 -12.84 -26.01 17.42
C PHE A 353 -13.22 -25.25 18.69
N GLN A 354 -14.15 -25.81 19.45
CA GLN A 354 -14.60 -25.20 20.69
C GLN A 354 -15.48 -26.19 21.44
N VAL A 355 -15.34 -26.21 22.76
CA VAL A 355 -16.26 -26.93 23.62
C VAL A 355 -16.74 -25.97 24.70
N ARG A 356 -17.89 -26.30 25.29
CA ARG A 356 -18.56 -25.37 26.18
C ARG A 356 -18.89 -26.05 27.49
N ASP A 357 -19.01 -25.24 28.54
CA ASP A 357 -19.25 -25.71 29.90
C ASP A 357 -18.24 -26.79 30.29
N ILE A 358 -16.98 -26.38 30.36
CA ILE A 358 -15.90 -27.32 30.64
C ILE A 358 -15.79 -27.53 32.14
N GLU A 359 -16.76 -27.02 32.91
CA GLU A 359 -16.86 -27.41 34.30
C GLU A 359 -17.45 -28.81 34.44
N ASN A 360 -18.34 -29.20 33.52
CA ASN A 360 -18.90 -30.54 33.54
C ASN A 360 -17.91 -31.58 33.05
N LEU A 361 -17.03 -31.20 32.14
CA LEU A 361 -15.98 -32.11 31.64
C LEU A 361 -15.03 -32.43 32.79
N LYS A 362 -15.16 -33.64 33.34
CA LYS A 362 -14.48 -33.99 34.58
C LYS A 362 -12.97 -33.85 34.43
N ASP A 363 -12.38 -32.92 35.20
CA ASP A 363 -10.98 -32.55 35.09
C ASP A 363 -10.62 -32.26 33.63
N ALA A 364 -11.27 -31.22 33.10
CA ALA A 364 -11.07 -30.83 31.71
C ALA A 364 -9.63 -30.42 31.43
N SER A 365 -8.87 -30.01 32.45
CA SER A 365 -7.53 -29.49 32.23
C SER A 365 -6.64 -30.53 31.55
N SER A 366 -6.94 -31.82 31.72
CA SER A 366 -6.18 -32.84 31.02
C SER A 366 -6.84 -33.23 29.70
N PHE A 367 -8.17 -33.25 29.64
CA PHE A 367 -8.85 -33.48 28.37
C PHE A 367 -8.59 -32.34 27.40
N LEU A 368 -8.72 -31.10 27.88
CA LEU A 368 -8.33 -29.97 27.07
C LEU A 368 -6.86 -30.05 26.70
N ALA A 369 -6.03 -30.59 27.60
CA ALA A 369 -4.62 -30.76 27.27
C ALA A 369 -4.46 -31.70 26.08
N GLU A 370 -5.16 -32.84 26.10
CA GLU A 370 -5.07 -33.79 25.00
C GLU A 370 -5.53 -33.16 23.69
N TRP A 371 -6.69 -32.50 23.71
CA TRP A 371 -7.23 -31.94 22.47
C TRP A 371 -6.38 -30.78 21.97
N GLN A 372 -5.85 -29.94 22.86
CA GLN A 372 -4.98 -28.86 22.44
C GLN A 372 -3.67 -29.40 21.88
N ASN A 373 -3.14 -30.46 22.51
CA ASN A 373 -1.97 -31.13 21.97
C ASN A 373 -2.22 -31.62 20.56
N ILE A 374 -3.38 -32.23 20.34
CA ILE A 374 -3.74 -32.74 19.01
C ILE A 374 -3.84 -31.58 18.03
N THR A 375 -4.53 -30.51 18.42
CA THR A 375 -4.86 -29.45 17.48
C THR A 375 -3.63 -28.64 17.10
N LYS A 376 -2.84 -28.23 18.09
CA LYS A 376 -1.64 -27.45 17.78
C LYS A 376 -0.58 -28.32 17.12
N GLY A 377 -0.41 -29.55 17.60
CA GLY A 377 0.53 -30.46 16.95
C GLY A 377 0.13 -30.79 15.53
N PHE A 378 -1.18 -30.84 15.27
CA PHE A 378 -1.66 -31.02 13.90
C PHE A 378 -1.18 -29.86 13.03
N SER A 379 -1.36 -28.63 13.51
CA SER A 379 -0.85 -27.42 12.88
C SER A 379 -1.08 -26.25 13.83
N GLU A 380 -0.14 -25.30 13.88
CA GLU A 380 -0.29 -24.18 14.81
C GLU A 380 -1.35 -23.21 14.32
N ASP A 381 -1.76 -23.30 13.06
CA ASP A 381 -2.84 -22.47 12.54
C ASP A 381 -4.16 -23.20 12.75
N ARG A 382 -4.40 -23.64 13.98
CA ARG A 382 -5.60 -24.38 14.36
C ARG A 382 -5.75 -24.25 15.87
N LEU A 383 -6.74 -23.50 16.33
CA LEU A 383 -6.84 -23.17 17.74
C LEU A 383 -7.87 -24.08 18.42
N LEU A 384 -8.17 -23.77 19.68
CA LEU A 384 -9.17 -24.52 20.45
C LEU A 384 -9.68 -23.62 21.56
N ILE A 385 -10.95 -23.24 21.46
CA ILE A 385 -11.59 -22.38 22.46
C ILE A 385 -12.32 -23.27 23.45
N ALA A 386 -12.45 -22.79 24.68
CA ALA A 386 -13.24 -23.48 25.69
C ALA A 386 -14.28 -22.51 26.23
N GLY A 387 -14.93 -22.88 27.32
CA GLY A 387 -15.89 -22.00 27.94
C GLY A 387 -16.37 -22.55 29.27
N THR A 388 -16.77 -21.63 30.15
CA THR A 388 -17.32 -22.00 31.44
C THR A 388 -18.15 -20.85 31.97
N ASN A 389 -18.96 -21.15 32.99
CA ASN A 389 -19.82 -20.15 33.61
C ASN A 389 -19.30 -19.69 34.96
N SER A 390 -17.98 -19.53 35.08
CA SER A 390 -17.34 -19.16 36.32
C SER A 390 -16.81 -17.73 36.26
N SER A 391 -16.93 -17.02 37.37
CA SER A 391 -16.43 -15.66 37.50
C SER A 391 -15.23 -15.57 38.45
N ASP A 392 -14.82 -16.67 39.06
CA ASP A 392 -13.68 -16.68 39.97
C ASP A 392 -12.42 -17.00 39.18
N LEU A 393 -11.43 -16.11 39.26
CA LEU A 393 -10.20 -16.28 38.49
C LEU A 393 -9.43 -17.54 38.90
N GLN A 394 -9.61 -18.01 40.13
CA GLN A 394 -8.94 -19.23 40.55
C GLN A 394 -9.41 -20.43 39.74
N GLN A 395 -10.72 -20.52 39.48
CA GLN A 395 -11.22 -21.58 38.61
C GLN A 395 -10.66 -21.45 37.20
N ILE A 396 -10.61 -20.22 36.68
CA ILE A 396 -10.08 -20.02 35.33
C ILE A 396 -8.61 -20.40 35.27
N LEU A 397 -7.84 -19.99 36.26
CA LEU A 397 -6.42 -20.33 36.29
C LEU A 397 -6.21 -21.84 36.40
N SER A 398 -6.97 -22.49 37.28
CA SER A 398 -6.87 -23.94 37.40
C SER A 398 -7.37 -24.66 36.16
N LEU A 399 -8.19 -24.00 35.34
CA LEU A 399 -8.56 -24.56 34.05
C LEU A 399 -7.61 -24.15 32.94
N LEU A 400 -6.81 -23.10 33.16
CA LEU A 400 -5.63 -22.82 32.36
C LEU A 400 -4.39 -23.44 32.96
N GLU A 401 -4.53 -24.57 33.64
CA GLU A 401 -3.49 -25.16 34.48
C GLU A 401 -2.15 -25.27 33.78
N SER A 402 -2.09 -26.05 32.70
CA SER A 402 -0.84 -26.32 32.00
C SER A 402 -0.81 -25.67 30.62
N ASN A 403 -1.78 -25.99 29.77
CA ASN A 403 -1.85 -25.39 28.46
C ASN A 403 -2.21 -23.91 28.57
N LYS A 404 -1.54 -23.08 27.76
CA LYS A 404 -1.76 -21.64 27.77
C LYS A 404 -2.00 -21.09 26.38
N ASP A 405 -2.12 -21.94 25.37
CA ASP A 405 -2.55 -21.53 24.04
C ASP A 405 -4.05 -21.71 23.84
N LEU A 406 -4.76 -22.14 24.86
CA LEU A 406 -6.21 -22.33 24.79
C LEU A 406 -6.90 -21.01 25.15
N LEU A 407 -7.79 -20.56 24.27
CA LEU A 407 -8.42 -19.25 24.41
C LEU A 407 -9.71 -19.36 25.21
N LEU A 408 -9.55 -19.68 26.49
CA LEU A 408 -10.71 -19.91 27.33
C LEU A 408 -11.54 -18.64 27.48
N THR A 409 -12.77 -18.69 27.00
CA THR A 409 -13.74 -17.61 27.17
C THR A 409 -14.64 -17.96 28.33
N SER A 410 -14.67 -17.09 29.35
CA SER A 410 -15.35 -17.41 30.59
C SER A 410 -16.33 -16.31 30.97
N SER A 411 -17.06 -16.57 32.05
CA SER A 411 -17.95 -15.61 32.66
C SER A 411 -17.22 -14.69 33.64
N TYR A 412 -15.92 -14.50 33.45
CA TYR A 412 -15.13 -13.64 34.31
C TYR A 412 -15.73 -12.23 34.36
N LEU A 413 -16.10 -11.70 33.20
CA LEU A 413 -16.74 -10.40 33.10
C LEU A 413 -18.25 -10.48 33.17
N SER A 414 -18.82 -11.67 33.40
CA SER A 414 -20.27 -11.84 33.36
C SER A 414 -20.97 -10.96 34.38
N ASP A 415 -20.30 -10.64 35.49
CA ASP A 415 -20.86 -9.68 36.43
C ASP A 415 -21.05 -8.34 35.73
N SER A 416 -22.22 -7.73 35.93
CA SER A 416 -22.51 -6.45 35.31
C SER A 416 -21.42 -5.43 35.63
N GLY A 417 -20.88 -5.52 36.86
CA GLY A 417 -19.72 -4.73 37.24
C GLY A 417 -19.92 -3.24 37.09
N SER A 418 -19.16 -2.65 36.16
CA SER A 418 -19.20 -1.23 35.82
C SER A 418 -18.74 -0.36 36.99
N THR A 419 -18.49 -0.95 38.16
CA THR A 419 -17.94 -0.20 39.27
C THR A 419 -16.51 0.22 38.92
N GLY A 420 -16.09 1.34 39.49
CA GLY A 420 -14.80 1.90 39.12
C GLY A 420 -13.63 0.96 39.36
N GLU A 421 -13.82 -0.04 40.21
CA GLU A 421 -12.74 -0.97 40.50
C GLU A 421 -12.96 -2.36 39.92
N HIS A 422 -14.19 -2.87 39.88
CA HIS A 422 -14.42 -4.21 39.34
C HIS A 422 -13.98 -4.29 37.88
N THR A 423 -14.49 -3.40 37.03
CA THR A 423 -14.06 -3.42 35.65
C THR A 423 -12.63 -2.97 35.49
N LYS A 424 -12.02 -2.43 36.55
CA LYS A 424 -10.60 -2.11 36.54
C LYS A 424 -9.80 -3.27 37.13
N SER A 425 -10.15 -3.68 38.35
CA SER A 425 -9.37 -4.69 39.06
C SER A 425 -9.42 -6.04 38.36
N LEU A 426 -10.60 -6.46 37.89
CA LEU A 426 -10.66 -7.74 37.20
C LEU A 426 -9.79 -7.74 35.94
N VAL A 427 -9.88 -6.68 35.14
CA VAL A 427 -9.09 -6.61 33.91
C VAL A 427 -7.61 -6.63 34.24
N THR A 428 -7.18 -5.83 35.22
CA THR A 428 -5.77 -5.78 35.56
C THR A 428 -5.28 -7.11 36.12
N GLN A 429 -5.99 -7.65 37.11
CA GLN A 429 -5.56 -8.87 37.77
C GLN A 429 -5.46 -10.01 36.78
N TYR A 430 -6.45 -10.15 35.89
CA TYR A 430 -6.36 -11.19 34.88
C TYR A 430 -5.22 -10.91 33.91
N LEU A 431 -5.03 -9.66 33.54
CA LEU A 431 -3.84 -9.29 32.79
C LEU A 431 -2.60 -9.24 33.65
N ASN A 432 -2.70 -9.66 34.91
CA ASN A 432 -1.56 -9.79 35.80
C ASN A 432 -1.22 -11.24 36.12
N ALA A 433 -2.13 -12.17 35.85
CA ALA A 433 -1.85 -13.59 36.10
C ALA A 433 -0.76 -14.09 35.16
N THR A 434 -0.98 -13.97 33.86
CA THR A 434 0.03 -14.28 32.86
C THR A 434 0.62 -13.04 32.21
N GLY A 435 0.16 -11.85 32.60
CA GLY A 435 0.79 -10.61 32.19
C GLY A 435 0.52 -10.21 30.76
N ASN A 436 1.08 -10.96 29.81
CA ASN A 436 0.94 -10.65 28.40
C ASN A 436 0.37 -11.79 27.58
N ARG A 437 0.23 -12.98 28.14
CA ARG A 437 -0.15 -14.16 27.38
C ARG A 437 -1.53 -13.97 26.77
N TRP A 438 -1.65 -14.30 25.48
CA TRP A 438 -2.80 -13.88 24.69
C TRP A 438 -4.09 -14.47 25.25
N CYS A 439 -5.11 -13.64 25.39
CA CYS A 439 -6.35 -13.98 26.05
C CYS A 439 -7.53 -13.83 25.09
N SER A 440 -8.71 -14.14 25.58
CA SER A 440 -9.96 -14.01 24.84
C SER A 440 -10.92 -13.17 25.66
N TRP A 441 -11.50 -12.15 25.03
CA TRP A 441 -12.32 -11.17 25.73
C TRP A 441 -13.77 -11.32 25.27
N SER A 442 -14.62 -11.75 26.19
CA SER A 442 -16.04 -11.90 25.90
C SER A 442 -16.81 -11.88 27.20
N LEU A 443 -18.03 -11.34 27.15
CA LEU A 443 -18.85 -11.27 28.35
C LEU A 443 -19.29 -12.66 28.81
N SER A 444 -19.39 -13.62 27.90
CA SER A 444 -19.91 -14.93 28.26
C SER A 444 -19.37 -15.96 27.27
N GLN A 445 -19.77 -17.21 27.47
CA GLN A 445 -19.41 -18.29 26.56
C GLN A 445 -20.37 -18.42 25.38
N ALA A 446 -21.67 -18.26 25.64
CA ALA A 446 -22.68 -18.38 24.59
C ALA A 446 -23.66 -17.22 24.57
N ARG A 447 -24.03 -16.67 25.73
CA ARG A 447 -25.10 -15.69 25.78
C ARG A 447 -24.68 -14.37 25.15
N LEU A 448 -25.67 -13.56 24.79
CA LEU A 448 -25.41 -12.29 24.12
C LEU A 448 -24.81 -11.29 25.09
N LEU A 449 -24.37 -10.16 24.54
CA LEU A 449 -23.99 -9.02 25.37
C LEU A 449 -25.19 -8.50 26.15
N THR A 450 -26.34 -8.40 25.49
CA THR A 450 -27.48 -7.72 26.07
C THR A 450 -28.15 -8.51 27.18
N SER A 451 -27.80 -9.79 27.34
CA SER A 451 -28.33 -10.55 28.47
C SER A 451 -27.84 -10.01 29.80
N PHE A 452 -26.70 -9.32 29.81
CA PHE A 452 -26.09 -8.76 31.00
C PHE A 452 -26.03 -7.25 30.97
N LEU A 453 -25.65 -6.68 29.83
CA LEU A 453 -25.40 -5.25 29.74
C LEU A 453 -26.72 -4.48 29.67
N PRO A 454 -26.90 -3.43 30.46
CA PRO A 454 -27.96 -2.47 30.16
C PRO A 454 -27.73 -1.81 28.82
N ALA A 455 -28.78 -1.15 28.31
CA ALA A 455 -28.74 -0.64 26.94
C ALA A 455 -27.64 0.41 26.76
N GLN A 456 -27.53 1.35 27.70
CA GLN A 456 -26.61 2.47 27.50
C GLN A 456 -25.15 2.04 27.54
N LEU A 457 -24.85 0.82 27.98
CA LEU A 457 -23.49 0.31 27.98
C LEU A 457 -23.19 -0.60 26.78
N LEU A 458 -24.17 -0.82 25.91
CA LEU A 458 -23.95 -1.68 24.75
C LEU A 458 -22.91 -1.05 23.82
N ARG A 459 -23.01 0.25 23.59
CA ARG A 459 -21.98 0.94 22.82
C ARG A 459 -20.66 0.97 23.58
N LEU A 460 -20.73 1.09 24.91
CA LEU A 460 -19.53 1.28 25.71
C LEU A 460 -18.64 0.04 25.69
N TYR A 461 -19.23 -1.13 25.95
CA TYR A 461 -18.42 -2.34 26.08
C TYR A 461 -17.82 -2.77 24.75
N GLN A 462 -18.46 -2.43 23.63
CA GLN A 462 -17.90 -2.81 22.33
C GLN A 462 -16.63 -2.05 22.02
N LEU A 463 -16.46 -0.86 22.57
CA LEU A 463 -15.20 -0.14 22.42
C LEU A 463 -14.12 -0.75 23.31
N MET A 464 -14.51 -1.21 24.50
CA MET A 464 -13.56 -1.85 25.40
C MET A 464 -13.05 -3.17 24.83
N LEU A 465 -13.96 -4.03 24.39
CA LEU A 465 -13.58 -5.37 23.99
C LEU A 465 -12.75 -5.37 22.72
N PHE A 466 -12.93 -4.38 21.86
CA PHE A 466 -12.13 -4.30 20.64
C PHE A 466 -10.74 -3.74 20.86
N THR A 467 -10.50 -3.11 22.02
CA THR A 467 -9.21 -2.48 22.27
C THR A 467 -8.35 -3.21 23.27
N LEU A 468 -8.94 -4.02 24.15
CA LEU A 468 -8.17 -4.79 25.10
C LEU A 468 -7.29 -5.80 24.37
N PRO A 469 -6.13 -6.14 24.92
CA PRO A 469 -5.24 -7.09 24.24
C PRO A 469 -5.82 -8.50 24.28
N GLY A 470 -5.87 -9.14 23.12
CA GLY A 470 -6.41 -10.47 23.02
C GLY A 470 -7.23 -10.60 21.76
N THR A 471 -8.26 -11.44 21.84
CA THR A 471 -9.22 -11.61 20.75
C THR A 471 -10.63 -11.44 21.30
N PRO A 472 -11.47 -10.61 20.68
CA PRO A 472 -12.85 -10.50 21.14
C PRO A 472 -13.71 -11.58 20.54
N VAL A 473 -14.73 -12.00 21.29
CA VAL A 473 -15.65 -13.04 20.85
C VAL A 473 -17.07 -12.48 20.94
N PHE A 474 -17.75 -12.43 19.80
CA PHE A 474 -19.10 -11.90 19.70
C PHE A 474 -20.05 -12.99 19.21
N SER A 475 -21.23 -13.07 19.82
CA SER A 475 -22.26 -13.95 19.31
C SER A 475 -22.92 -13.29 18.11
N TYR A 476 -23.95 -13.94 17.57
CA TYR A 476 -24.68 -13.36 16.46
C TYR A 476 -25.64 -12.30 16.98
N GLY A 477 -25.65 -11.14 16.33
CA GLY A 477 -26.49 -10.05 16.78
C GLY A 477 -25.94 -9.26 17.94
N ASP A 478 -24.67 -9.45 18.29
CA ASP A 478 -24.04 -8.58 19.27
C ASP A 478 -23.44 -7.33 18.64
N GLU A 479 -23.41 -7.25 17.32
CA GLU A 479 -23.04 -6.00 16.66
C GLU A 479 -24.22 -5.05 16.52
N ILE A 480 -25.44 -5.53 16.78
CA ILE A 480 -26.63 -4.68 16.75
C ILE A 480 -27.43 -4.77 18.04
N GLY A 481 -27.03 -5.61 18.98
CA GLY A 481 -27.69 -5.67 20.27
C GLY A 481 -29.09 -6.25 20.24
N LEU A 482 -29.20 -7.56 19.96
CA LEU A 482 -30.51 -8.20 19.97
C LEU A 482 -31.10 -8.15 21.37
N ASP A 483 -32.16 -7.38 21.55
CA ASP A 483 -32.75 -7.15 22.85
C ASP A 483 -33.99 -8.04 23.00
N ALA A 484 -33.94 -8.97 23.94
CA ALA A 484 -35.11 -9.79 24.23
C ALA A 484 -36.21 -8.99 24.91
N ALA A 485 -35.88 -7.82 25.47
CA ALA A 485 -36.85 -6.97 26.17
C ALA A 485 -37.63 -6.08 25.22
N ALA A 486 -36.96 -5.46 24.26
CA ALA A 486 -37.65 -4.62 23.29
C ALA A 486 -38.53 -5.45 22.37
N LEU A 487 -38.01 -6.54 21.83
CA LEU A 487 -38.76 -7.43 20.96
C LEU A 487 -39.14 -8.69 21.72
N PRO A 488 -40.43 -8.94 21.96
CA PRO A 488 -40.85 -10.14 22.67
C PRO A 488 -40.74 -11.37 21.79
N GLY A 489 -41.23 -12.49 22.32
CA GLY A 489 -41.31 -13.72 21.56
C GLY A 489 -39.98 -14.42 21.33
N GLN A 490 -38.88 -13.71 21.48
CA GLN A 490 -37.57 -14.29 21.24
C GLN A 490 -37.24 -15.34 22.30
N PRO A 491 -36.78 -16.52 21.91
CA PRO A 491 -36.28 -17.48 22.92
C PRO A 491 -35.07 -16.90 23.65
N MET A 492 -34.97 -17.21 24.94
CA MET A 492 -33.96 -16.56 25.77
C MET A 492 -32.55 -17.06 25.44
N GLU A 493 -32.40 -18.37 25.21
CA GLU A 493 -31.08 -18.89 24.81
C GLU A 493 -30.70 -18.43 23.41
N ALA A 494 -31.61 -18.57 22.45
CA ALA A 494 -31.33 -18.27 21.05
C ALA A 494 -32.38 -17.32 20.49
N PRO A 495 -32.08 -16.03 20.41
CA PRO A 495 -33.01 -15.08 19.81
C PRO A 495 -32.90 -15.09 18.29
N VAL A 496 -33.85 -14.40 17.66
CA VAL A 496 -33.95 -14.38 16.20
C VAL A 496 -33.22 -13.17 15.64
N MET A 497 -32.32 -13.41 14.70
CA MET A 497 -31.61 -12.33 14.03
C MET A 497 -32.57 -11.59 13.10
N LEU A 498 -32.39 -10.27 13.00
CA LEU A 498 -33.25 -9.41 12.21
C LEU A 498 -32.49 -8.95 10.96
N TRP A 499 -32.84 -9.52 9.82
CA TRP A 499 -32.21 -9.19 8.56
C TRP A 499 -32.94 -8.09 7.81
N ASP A 500 -34.27 -8.08 7.84
CA ASP A 500 -35.07 -7.13 7.09
C ASP A 500 -36.28 -6.68 7.92
N GLU A 501 -37.23 -6.06 7.24
CA GLU A 501 -38.41 -5.52 7.89
C GLU A 501 -39.47 -6.57 8.17
N SER A 502 -39.20 -7.84 7.85
CA SER A 502 -40.12 -8.90 8.25
C SER A 502 -39.37 -10.15 8.72
N SER A 503 -38.12 -10.01 9.14
CA SER A 503 -37.30 -11.16 9.50
C SER A 503 -37.88 -11.92 10.69
N PHE A 504 -38.79 -11.31 11.43
CA PHE A 504 -39.51 -12.02 12.48
C PHE A 504 -40.74 -12.67 11.87
N PRO A 505 -40.87 -14.00 11.92
CA PRO A 505 -42.06 -14.66 11.37
C PRO A 505 -43.17 -14.92 12.37
N ASP A 506 -42.90 -14.74 13.67
CA ASP A 506 -43.95 -14.83 14.69
C ASP A 506 -44.72 -13.53 14.71
N ILE A 507 -45.52 -13.30 15.76
CA ILE A 507 -46.38 -12.12 15.87
C ILE A 507 -45.56 -10.86 15.60
N PRO A 508 -45.80 -10.17 14.49
CA PRO A 508 -44.93 -9.07 14.08
C PRO A 508 -45.34 -7.74 14.68
N GLY A 509 -44.69 -6.67 14.21
CA GLY A 509 -44.99 -5.33 14.66
C GLY A 509 -43.91 -4.67 15.48
N ALA A 510 -42.80 -5.36 15.74
CA ALA A 510 -41.75 -4.81 16.57
C ALA A 510 -40.38 -4.97 15.93
N VAL A 511 -40.31 -4.79 14.62
CA VAL A 511 -39.05 -4.91 13.89
C VAL A 511 -38.74 -3.58 13.24
N SER A 512 -39.16 -2.49 13.90
CA SER A 512 -39.03 -1.15 13.33
C SER A 512 -37.58 -0.85 12.99
N ALA A 513 -37.39 -0.12 11.90
CA ALA A 513 -36.11 0.03 11.20
C ALA A 513 -34.95 0.36 12.11
N ASN A 514 -35.23 0.90 13.29
CA ASN A 514 -34.19 1.10 14.30
C ASN A 514 -33.45 -0.20 14.58
N MET A 515 -34.19 -1.30 14.76
CA MET A 515 -33.57 -2.54 15.24
C MET A 515 -32.81 -3.28 14.15
N THR A 516 -33.32 -3.28 12.93
CA THR A 516 -32.84 -4.17 11.88
C THR A 516 -31.40 -3.87 11.49
N VAL A 517 -30.87 -4.71 10.61
CA VAL A 517 -29.50 -4.54 10.14
C VAL A 517 -29.43 -3.43 9.09
N LYS A 518 -30.26 -3.52 8.06
CA LYS A 518 -30.29 -2.48 7.04
C LYS A 518 -30.72 -1.13 7.61
N GLY A 519 -31.60 -1.13 8.60
CA GLY A 519 -31.89 0.10 9.32
C GLY A 519 -30.75 0.62 10.16
N GLN A 520 -29.59 -0.04 10.11
CA GLN A 520 -28.39 0.42 10.80
C GLN A 520 -27.16 0.39 9.93
N SER A 521 -27.20 -0.22 8.75
CA SER A 521 -26.08 -0.18 7.83
C SER A 521 -25.95 1.18 7.14
N GLU A 522 -27.01 1.97 7.15
CA GLU A 522 -27.03 3.28 6.52
C GLU A 522 -26.71 4.41 7.49
N ASP A 523 -27.18 4.33 8.72
CA ASP A 523 -26.94 5.36 9.72
C ASP A 523 -25.47 5.37 10.09
N PRO A 524 -24.74 6.48 9.90
CA PRO A 524 -23.33 6.52 10.35
C PRO A 524 -23.17 6.42 11.85
N GLY A 525 -24.17 6.83 12.63
CA GLY A 525 -24.13 6.72 14.08
C GLY A 525 -24.78 5.47 14.63
N SER A 526 -25.10 4.50 13.80
CA SER A 526 -25.77 3.29 14.27
C SER A 526 -24.80 2.41 15.04
N LEU A 527 -25.37 1.49 15.82
CA LEU A 527 -24.56 0.57 16.61
C LEU A 527 -23.78 -0.38 15.72
N LEU A 528 -24.38 -0.81 14.60
CA LEU A 528 -23.67 -1.65 13.66
C LEU A 528 -22.50 -0.89 13.01
N SER A 529 -22.70 0.39 12.71
CA SER A 529 -21.64 1.19 12.12
C SER A 529 -20.48 1.35 13.09
N LEU A 530 -20.77 1.53 14.38
CA LEU A 530 -19.72 1.59 15.38
C LEU A 530 -18.90 0.31 15.39
N PHE A 531 -19.59 -0.84 15.35
CA PHE A 531 -18.90 -2.12 15.30
C PHE A 531 -18.03 -2.21 14.06
N ARG A 532 -18.53 -1.76 12.92
CA ARG A 532 -17.76 -1.84 11.68
C ARG A 532 -16.50 -0.99 11.76
N ARG A 533 -16.62 0.25 12.26
CA ARG A 533 -15.43 1.09 12.40
C ARG A 533 -14.43 0.46 13.36
N LEU A 534 -14.91 -0.03 14.50
CA LEU A 534 -14.01 -0.62 15.49
C LEU A 534 -13.31 -1.83 14.93
N SER A 535 -14.03 -2.69 14.21
CA SER A 535 -13.41 -3.87 13.63
C SER A 535 -12.42 -3.52 12.55
N ASP A 536 -12.71 -2.49 11.74
CA ASP A 536 -11.77 -2.05 10.73
C ASP A 536 -10.47 -1.59 11.39
N GLN A 537 -10.58 -0.80 12.46
CA GLN A 537 -9.38 -0.35 13.15
C GLN A 537 -8.64 -1.49 13.82
N ARG A 538 -9.37 -2.45 14.40
CA ARG A 538 -8.75 -3.54 15.14
C ARG A 538 -8.01 -4.50 14.20
N SER A 539 -8.60 -4.77 13.04
CA SER A 539 -8.04 -5.76 12.13
C SER A 539 -6.99 -5.19 11.19
N LYS A 540 -6.73 -3.88 11.24
CA LYS A 540 -5.82 -3.25 10.30
C LYS A 540 -4.57 -2.70 10.95
N GLU A 541 -4.70 -1.82 11.94
CA GLU A 541 -3.57 -1.06 12.43
C GLU A 541 -2.75 -1.88 13.41
N ARG A 542 -1.41 -1.81 13.25
CA ARG A 542 -0.50 -2.74 13.90
C ARG A 542 -0.56 -2.63 15.42
N SER A 543 -0.98 -1.49 15.96
CA SER A 543 -0.96 -1.32 17.41
C SER A 543 -1.99 -2.21 18.09
N LEU A 544 -3.23 -2.18 17.60
CA LEU A 544 -4.28 -2.94 18.28
C LEU A 544 -4.08 -4.44 18.14
N LEU A 545 -3.45 -4.89 17.06
CA LEU A 545 -3.20 -6.31 16.89
C LEU A 545 -2.34 -6.87 18.02
N HIS A 546 -1.18 -6.24 18.27
CA HIS A 546 -0.25 -6.77 19.27
C HIS A 546 0.45 -5.71 20.10
N GLY A 547 -0.09 -4.50 20.19
CA GLY A 547 0.51 -3.49 21.03
C GLY A 547 0.40 -3.84 22.50
N ASP A 548 1.43 -3.48 23.26
CA ASP A 548 1.42 -3.71 24.68
C ASP A 548 0.33 -2.89 25.34
N PHE A 549 0.02 -3.23 26.59
CA PHE A 549 -1.13 -2.66 27.28
C PHE A 549 -0.68 -2.05 28.60
N HIS A 550 -1.01 -0.77 28.80
CA HIS A 550 -0.78 -0.10 30.07
C HIS A 550 -2.03 0.67 30.46
N ALA A 551 -2.49 0.47 31.68
CA ALA A 551 -3.67 1.17 32.19
C ALA A 551 -3.26 1.97 33.41
N PHE A 552 -3.60 3.26 33.40
CA PHE A 552 -3.19 4.18 34.45
C PHE A 552 -4.42 4.73 35.18
N SER A 553 -4.16 5.22 36.39
CA SER A 553 -5.25 5.68 37.25
C SER A 553 -5.94 6.89 36.65
N ALA A 554 -7.20 7.07 37.05
CA ALA A 554 -8.02 8.16 36.54
C ALA A 554 -9.16 8.40 37.54
N GLY A 555 -10.22 9.06 37.08
CA GLY A 555 -11.36 9.36 37.92
C GLY A 555 -12.05 8.09 38.42
N PRO A 556 -12.89 8.25 39.46
CA PRO A 556 -13.46 7.06 40.11
C PRO A 556 -14.26 6.16 39.20
N GLY A 557 -14.99 6.73 38.24
CA GLY A 557 -15.83 5.92 37.36
C GLY A 557 -15.21 5.68 36.00
N LEU A 558 -13.91 5.88 35.89
CA LEU A 558 -13.21 5.78 34.61
C LEU A 558 -12.46 4.46 34.47
N PHE A 559 -11.97 4.23 33.26
CA PHE A 559 -11.01 3.16 33.00
C PHE A 559 -10.28 3.54 31.70
N SER A 560 -9.07 4.06 31.84
CA SER A 560 -8.28 4.49 30.69
C SER A 560 -7.07 3.58 30.50
N TYR A 561 -6.61 3.50 29.26
CA TYR A 561 -5.44 2.67 28.94
C TYR A 561 -4.87 3.12 27.61
N ILE A 562 -3.84 2.42 27.15
CA ILE A 562 -3.12 2.75 25.94
C ILE A 562 -2.66 1.47 25.27
N ARG A 563 -2.66 1.47 23.94
CA ARG A 563 -2.21 0.34 23.15
C ARG A 563 -1.14 0.81 22.18
N HIS A 564 0.12 0.49 22.50
CA HIS A 564 1.26 1.02 21.77
C HIS A 564 2.15 -0.10 21.27
N TRP A 565 2.66 0.07 20.07
CA TRP A 565 3.64 -0.85 19.49
C TRP A 565 4.94 -0.09 19.25
N ASP A 566 5.88 -0.74 18.55
CA ASP A 566 7.24 -0.25 18.40
C ASP A 566 7.31 1.12 17.76
N GLN A 567 6.93 1.23 16.48
CA GLN A 567 6.98 2.50 15.77
C GLN A 567 5.65 2.86 15.13
N ASN A 568 4.60 2.10 15.43
CA ASN A 568 3.31 2.31 14.80
C ASN A 568 2.46 3.24 15.68
N GLU A 569 1.25 3.51 15.21
CA GLU A 569 0.35 4.48 15.85
C GLU A 569 0.09 4.10 17.30
N ARG A 570 -0.07 5.12 18.14
CA ARG A 570 -0.51 4.90 19.52
C ARG A 570 -2.04 4.79 19.59
N PHE A 571 -2.56 4.81 20.81
CA PHE A 571 -3.99 4.92 21.04
C PHE A 571 -4.24 5.40 22.46
N LEU A 572 -5.51 5.58 22.78
CA LEU A 572 -5.96 5.95 24.11
C LEU A 572 -7.48 5.81 24.14
N VAL A 573 -7.99 5.21 25.20
CA VAL A 573 -9.42 4.97 25.33
C VAL A 573 -9.86 5.39 26.72
N VAL A 574 -10.98 6.09 26.81
CA VAL A 574 -11.55 6.51 28.08
C VAL A 574 -12.98 5.98 28.16
N LEU A 575 -13.34 5.42 29.31
CA LEU A 575 -14.62 4.76 29.49
C LEU A 575 -15.27 5.28 30.76
N ASN A 576 -16.35 6.02 30.63
CA ASN A 576 -17.09 6.53 31.78
C ASN A 576 -18.20 5.54 32.09
N PHE A 577 -18.07 4.85 33.23
CA PHE A 577 -19.05 3.88 33.67
C PHE A 577 -20.06 4.46 34.67
N GLY A 578 -20.03 5.77 34.90
CA GLY A 578 -20.84 6.40 35.93
C GLY A 578 -22.07 7.10 35.37
N ASP A 579 -22.74 7.82 36.27
CA ASP A 579 -23.96 8.53 35.94
C ASP A 579 -23.75 10.02 35.68
N VAL A 580 -22.71 10.61 36.27
CA VAL A 580 -22.46 12.05 36.16
C VAL A 580 -21.24 12.25 35.28
N GLY A 581 -21.30 13.23 34.40
CA GLY A 581 -20.16 13.57 33.56
C GLY A 581 -18.94 13.93 34.37
N LEU A 582 -17.82 13.30 34.06
CA LEU A 582 -16.59 13.45 34.83
C LEU A 582 -15.49 14.01 33.95
N SER A 583 -14.44 14.51 34.61
CA SER A 583 -13.23 14.93 33.92
C SER A 583 -12.26 13.76 33.81
N ALA A 584 -11.32 13.88 32.87
CA ALA A 584 -10.41 12.77 32.60
C ALA A 584 -9.57 12.44 33.83
N GLY A 585 -9.02 13.45 34.48
CA GLY A 585 -8.16 13.20 35.63
C GLY A 585 -6.99 12.31 35.26
N LEU A 586 -6.33 12.62 34.15
CA LEU A 586 -5.21 11.81 33.68
C LEU A 586 -3.96 12.14 34.49
N GLN A 587 -3.78 11.37 35.56
CA GLN A 587 -2.53 11.37 36.32
C GLN A 587 -1.78 10.11 35.90
N ALA A 588 -1.10 10.16 34.76
CA ALA A 588 -0.41 8.98 34.26
C ALA A 588 0.89 8.74 35.00
N SER A 589 1.87 9.63 34.81
CA SER A 589 3.05 9.75 35.66
C SER A 589 3.91 8.49 35.74
N ASP A 590 3.55 7.43 35.03
CA ASP A 590 4.36 6.21 35.05
C ASP A 590 4.52 5.52 33.70
N LEU A 591 3.91 6.04 32.64
CA LEU A 591 4.05 5.40 31.34
C LEU A 591 5.51 5.43 30.90
N PRO A 592 5.98 4.43 30.17
CA PRO A 592 7.34 4.49 29.62
C PRO A 592 7.51 5.71 28.72
N ALA A 593 8.72 6.27 28.72
CA ALA A 593 8.99 7.45 27.93
C ALA A 593 8.74 7.22 26.45
N SER A 594 8.75 5.96 26.00
CA SER A 594 8.38 5.66 24.62
C SER A 594 6.90 5.93 24.37
N ALA A 595 6.07 5.86 25.42
CA ALA A 595 4.63 5.99 25.29
C ALA A 595 4.07 6.90 26.38
N SER A 596 4.64 8.09 26.53
CA SER A 596 4.14 9.08 27.48
C SER A 596 3.17 10.03 26.78
N LEU A 597 2.04 10.30 27.43
CA LEU A 597 0.92 10.97 26.78
C LEU A 597 1.27 12.41 26.40
N PRO A 598 0.83 12.89 25.23
CA PRO A 598 0.99 14.31 24.90
C PRO A 598 -0.14 15.17 25.42
N ALA A 599 -0.14 16.47 25.09
CA ALA A 599 -1.17 17.37 25.60
C ALA A 599 -2.41 17.39 24.71
N LYS A 600 -2.25 17.15 23.42
CA LYS A 600 -3.37 17.04 22.49
C LYS A 600 -3.26 15.75 21.71
N ALA A 601 -4.35 14.99 21.68
CA ALA A 601 -4.38 13.69 21.02
C ALA A 601 -5.47 13.67 19.96
N ASP A 602 -5.14 13.13 18.79
CA ASP A 602 -6.06 13.13 17.66
C ASP A 602 -7.22 12.20 17.91
N LEU A 603 -8.41 12.75 18.10
CA LEU A 603 -9.60 11.94 18.30
C LEU A 603 -9.91 11.15 17.05
N LEU A 604 -10.46 9.95 17.23
CA LEU A 604 -10.78 9.07 16.10
C LEU A 604 -12.24 8.68 16.06
N LEU A 605 -12.86 8.41 17.20
CA LEU A 605 -14.29 8.09 17.24
C LEU A 605 -14.79 8.30 18.66
N SER A 606 -16.04 7.93 18.89
CA SER A 606 -16.66 8.06 20.21
C SER A 606 -17.91 7.19 20.24
N THR A 607 -18.31 6.82 21.45
CA THR A 607 -19.52 6.00 21.59
C THR A 607 -20.77 6.82 21.33
N GLN A 608 -21.00 7.85 22.14
CA GLN A 608 -22.11 8.76 21.91
C GLN A 608 -21.64 9.86 20.99
N PRO A 609 -22.12 9.94 19.76
CA PRO A 609 -21.56 10.91 18.81
C PRO A 609 -21.96 12.34 19.15
N GLY A 610 -21.30 13.28 18.47
CA GLY A 610 -21.49 14.69 18.71
C GLY A 610 -20.18 15.45 18.79
N ARG A 611 -19.16 14.82 19.37
CA ARG A 611 -17.83 15.40 19.39
C ARG A 611 -17.20 15.25 18.01
N GLU A 612 -16.57 16.33 17.53
CA GLU A 612 -16.01 16.31 16.19
C GLU A 612 -14.91 15.27 16.08
N GLU A 613 -15.12 14.29 15.21
CA GLU A 613 -14.21 13.15 15.09
C GLU A 613 -13.06 13.55 14.18
N GLY A 614 -11.92 13.91 14.78
CA GLY A 614 -10.76 14.34 14.04
C GLY A 614 -10.09 15.53 14.70
N SER A 615 -10.79 16.18 15.62
CA SER A 615 -10.27 17.34 16.31
C SER A 615 -9.38 16.90 17.46
N PRO A 616 -8.10 17.27 17.47
CA PRO A 616 -7.24 16.91 18.60
C PRO A 616 -7.77 17.49 19.89
N LEU A 617 -8.15 16.60 20.82
CA LEU A 617 -8.68 17.02 22.11
C LEU A 617 -7.56 17.13 23.13
N GLU A 618 -7.77 18.01 24.11
CA GLU A 618 -6.78 18.27 25.14
C GLU A 618 -7.05 17.37 26.34
N LEU A 619 -6.00 16.75 26.86
CA LEU A 619 -6.12 15.77 27.95
C LEU A 619 -6.11 16.42 29.33
N GLU A 620 -5.93 17.73 29.42
CA GLU A 620 -6.12 18.44 30.67
C GLU A 620 -7.54 18.95 30.83
N ARG A 621 -8.17 19.34 29.72
CA ARG A 621 -9.57 19.74 29.67
C ARG A 621 -10.48 18.62 29.20
N LEU A 622 -9.94 17.41 29.04
CA LEU A 622 -10.71 16.26 28.62
C LEU A 622 -11.74 15.96 29.71
N LYS A 623 -12.99 16.28 29.42
CA LYS A 623 -14.09 16.09 30.35
C LYS A 623 -15.16 15.26 29.68
N LEU A 624 -15.59 14.21 30.36
CA LEU A 624 -16.51 13.24 29.77
C LEU A 624 -17.95 13.67 29.95
N GLU A 625 -18.82 12.98 29.25
CA GLU A 625 -20.26 12.80 29.37
C GLU A 625 -20.54 11.43 29.96
N PRO A 626 -21.63 11.27 30.70
CA PRO A 626 -21.93 9.95 31.28
C PRO A 626 -22.07 8.89 30.20
N HIS A 627 -21.51 7.71 30.49
CA HIS A 627 -21.63 6.54 29.62
C HIS A 627 -21.07 6.80 28.22
N GLU A 628 -19.97 7.56 28.17
CA GLU A 628 -19.32 7.85 26.91
C GLU A 628 -17.95 7.19 26.84
N GLY A 629 -17.61 6.67 25.67
CA GLY A 629 -16.27 6.26 25.37
C GLY A 629 -15.55 7.28 24.51
N LEU A 630 -14.27 7.03 24.28
CA LEU A 630 -13.45 7.86 23.41
C LEU A 630 -12.39 6.99 22.79
N LEU A 631 -11.65 7.56 21.84
CA LEU A 631 -10.53 6.88 21.22
C LEU A 631 -9.67 7.90 20.50
N LEU A 632 -8.40 8.00 20.88
CA LEU A 632 -7.52 9.07 20.44
C LEU A 632 -6.24 8.47 19.86
N ARG A 633 -5.38 9.34 19.31
CA ARG A 633 -4.20 8.91 18.58
C ARG A 633 -3.09 9.95 18.72
N PHE A 634 -1.83 9.48 18.80
CA PHE A 634 -0.67 10.38 18.95
C PHE A 634 0.67 9.75 18.55
N PRO A 635 1.12 9.90 17.27
CA PRO A 635 2.25 9.15 16.73
C PRO A 635 3.63 9.77 16.95
N TYR A 636 3.96 10.14 18.19
CA TYR A 636 5.21 10.89 18.41
C TYR A 636 6.37 9.90 18.33
N ALA A 637 6.78 9.59 17.10
CA ALA A 637 7.80 8.56 16.85
C ALA A 637 7.40 7.27 17.57
N ALA A 638 6.10 6.99 17.53
CA ALA A 638 5.48 5.98 18.39
C ALA A 638 5.90 4.57 18.05
N THR B 53 14.19 -7.80 -38.91
CA THR B 53 12.96 -7.16 -39.36
C THR B 53 12.35 -6.33 -38.24
N LEU B 54 11.03 -6.13 -38.31
CA LEU B 54 10.33 -5.41 -37.25
C LEU B 54 10.38 -6.17 -35.93
N LEU B 55 10.70 -7.46 -35.97
CA LEU B 55 10.79 -8.24 -34.74
C LEU B 55 11.83 -7.64 -33.81
N ARG B 56 13.04 -7.40 -34.32
CA ARG B 56 14.08 -6.82 -33.48
C ARG B 56 13.75 -5.39 -33.11
N GLY B 57 13.08 -4.66 -33.99
CA GLY B 57 12.69 -3.30 -33.66
C GLY B 57 11.69 -3.24 -32.53
N VAL B 58 10.76 -4.20 -32.49
CA VAL B 58 9.82 -4.27 -31.39
C VAL B 58 10.56 -4.46 -30.07
N SER B 59 11.54 -5.37 -30.06
CA SER B 59 12.34 -5.56 -28.86
C SER B 59 13.10 -4.30 -28.50
N ILE B 60 13.67 -3.63 -29.51
CA ILE B 60 14.44 -2.41 -29.27
C ILE B 60 13.59 -1.39 -28.54
N ILE B 61 12.40 -1.12 -29.06
CA ILE B 61 11.58 -0.08 -28.43
C ILE B 61 11.05 -0.57 -27.09
N ILE B 62 10.58 -1.82 -27.02
CA ILE B 62 9.99 -2.32 -25.80
C ILE B 62 11.01 -2.37 -24.67
N GLY B 63 12.30 -2.39 -25.00
CA GLY B 63 13.32 -2.29 -23.97
C GLY B 63 13.45 -0.89 -23.39
N THR B 64 12.82 0.10 -24.01
CA THR B 64 12.90 1.46 -23.53
C THR B 64 11.68 1.86 -22.70
N ILE B 65 10.48 1.54 -23.18
CA ILE B 65 9.27 1.95 -22.45
C ILE B 65 9.20 1.27 -21.09
N ILE B 66 9.47 -0.03 -21.04
CA ILE B 66 9.43 -0.72 -19.76
C ILE B 66 10.52 -0.15 -18.85
N GLY B 67 10.25 -0.14 -17.56
CA GLY B 67 11.20 0.41 -16.62
C GLY B 67 10.59 0.58 -15.25
N ALA B 68 11.24 1.43 -14.45
CA ALA B 68 10.82 1.63 -13.07
C ALA B 68 9.50 2.35 -12.94
N GLY B 69 8.97 2.90 -14.03
CA GLY B 69 7.73 3.64 -13.94
C GLY B 69 6.58 2.82 -13.39
N ILE B 70 6.60 1.50 -13.61
CA ILE B 70 5.54 0.64 -13.12
C ILE B 70 5.64 0.38 -11.63
N PHE B 71 6.74 0.77 -10.99
CA PHE B 71 6.87 0.65 -9.55
C PHE B 71 6.73 1.98 -8.82
N ILE B 72 6.94 3.10 -9.49
CA ILE B 72 6.87 4.42 -8.87
C ILE B 72 5.48 5.02 -8.97
N SER B 73 4.82 4.82 -10.10
CA SER B 73 3.57 5.51 -10.39
C SER B 73 2.32 4.95 -9.71
N PRO B 74 2.11 3.60 -9.63
CA PRO B 74 0.81 3.08 -9.16
C PRO B 74 0.21 3.80 -7.95
N LYS B 75 0.99 3.91 -6.87
CA LYS B 75 0.50 4.61 -5.69
C LYS B 75 0.20 6.07 -6.00
N GLY B 76 1.03 6.68 -6.84
CA GLY B 76 0.77 8.06 -7.23
C GLY B 76 -0.54 8.22 -7.95
N VAL B 77 -0.82 7.32 -8.89
CA VAL B 77 -2.09 7.38 -9.63
C VAL B 77 -3.26 7.18 -8.68
N LEU B 78 -3.20 6.13 -7.85
CA LEU B 78 -4.31 5.89 -6.93
C LEU B 78 -4.52 7.04 -5.96
N GLN B 79 -3.44 7.71 -5.58
CA GLN B 79 -3.51 8.84 -4.65
C GLN B 79 -4.56 9.84 -5.10
N ASN B 80 -4.32 10.48 -6.24
CA ASN B 80 -5.26 11.46 -6.79
C ASN B 80 -6.14 10.86 -7.87
N THR B 81 -6.75 9.71 -7.59
CA THR B 81 -7.79 9.17 -8.44
C THR B 81 -9.00 8.80 -7.59
N GLY B 82 -8.74 8.31 -6.38
CA GLY B 82 -9.77 8.02 -5.43
C GLY B 82 -10.53 6.73 -5.64
N SER B 83 -10.14 5.93 -6.63
CA SER B 83 -10.86 4.69 -6.92
C SER B 83 -9.88 3.66 -7.45
N VAL B 84 -10.42 2.49 -7.81
CA VAL B 84 -9.61 1.41 -8.35
C VAL B 84 -9.97 1.22 -9.81
N GLY B 85 -11.25 1.16 -10.11
CA GLY B 85 -11.69 1.06 -11.49
C GLY B 85 -11.46 2.35 -12.23
N MET B 86 -11.49 3.47 -11.51
CA MET B 86 -11.19 4.75 -12.13
C MET B 86 -9.69 4.98 -12.23
N SER B 87 -8.88 4.21 -11.51
CA SER B 87 -7.44 4.25 -11.66
C SER B 87 -6.93 3.32 -12.75
N LEU B 88 -7.56 2.15 -12.90
CA LEU B 88 -7.20 1.23 -13.97
C LEU B 88 -7.62 1.72 -15.33
N THR B 89 -8.52 2.70 -15.41
CA THR B 89 -8.81 3.31 -16.70
C THR B 89 -7.86 4.45 -17.01
N ILE B 90 -7.28 5.08 -15.98
CA ILE B 90 -6.23 6.07 -16.23
C ILE B 90 -5.04 5.40 -16.88
N TRP B 91 -4.67 4.20 -16.41
CA TRP B 91 -3.56 3.51 -17.03
C TRP B 91 -3.83 3.18 -18.48
N THR B 92 -5.04 2.73 -18.81
CA THR B 92 -5.39 2.46 -20.20
C THR B 92 -5.39 3.73 -21.05
N VAL B 93 -5.93 4.83 -20.52
CA VAL B 93 -5.98 6.07 -21.28
C VAL B 93 -4.57 6.61 -21.53
N CYS B 94 -3.72 6.57 -20.51
CA CYS B 94 -2.34 6.99 -20.73
C CYS B 94 -1.60 6.03 -21.64
N GLY B 95 -1.96 4.74 -21.64
CA GLY B 95 -1.37 3.82 -22.59
C GLY B 95 -1.72 4.17 -24.02
N VAL B 96 -3.00 4.44 -24.28
CA VAL B 96 -3.40 4.81 -25.64
C VAL B 96 -2.87 6.18 -26.03
N LEU B 97 -2.75 7.12 -25.08
CA LEU B 97 -2.16 8.41 -25.37
C LEU B 97 -0.67 8.33 -25.64
N SER B 98 0.05 7.46 -24.93
CA SER B 98 1.44 7.20 -25.26
C SER B 98 1.56 6.58 -26.62
N LEU B 99 0.64 5.67 -26.97
CA LEU B 99 0.62 5.14 -28.33
C LEU B 99 0.49 6.28 -29.33
N PHE B 100 -0.46 7.19 -29.11
CA PHE B 100 -0.65 8.31 -30.03
C PHE B 100 0.56 9.20 -30.11
N GLY B 101 1.18 9.51 -28.98
CA GLY B 101 2.35 10.35 -28.96
C GLY B 101 3.55 9.75 -29.67
N ALA B 102 3.82 8.47 -29.41
CA ALA B 102 4.92 7.80 -30.09
C ALA B 102 4.64 7.70 -31.59
N LEU B 103 3.38 7.44 -31.95
CA LEU B 103 3.04 7.32 -33.36
C LEU B 103 3.15 8.66 -34.06
N SER B 104 2.92 9.76 -33.33
CA SER B 104 3.15 11.09 -33.91
C SER B 104 4.64 11.39 -34.04
N TYR B 105 5.43 11.04 -33.04
CA TYR B 105 6.87 11.27 -33.13
C TYR B 105 7.48 10.47 -34.28
N ALA B 106 6.98 9.26 -34.52
CA ALA B 106 7.46 8.48 -35.65
C ALA B 106 7.23 9.22 -36.96
N GLU B 107 6.12 9.94 -37.07
CA GLU B 107 5.86 10.70 -38.28
C GLU B 107 6.72 11.95 -38.34
N LEU B 108 6.93 12.61 -37.21
CA LEU B 108 7.80 13.78 -37.17
C LEU B 108 9.20 13.42 -37.65
N GLY B 109 9.74 12.30 -37.15
CA GLY B 109 11.07 11.88 -37.54
C GLY B 109 11.15 11.33 -38.94
N THR B 110 10.04 10.86 -39.51
CA THR B 110 10.03 10.31 -40.85
C THR B 110 9.74 11.36 -41.91
N THR B 111 9.25 12.53 -41.53
CA THR B 111 9.01 13.59 -42.52
C THR B 111 10.11 14.65 -42.50
N ILE B 112 10.95 14.67 -41.48
CA ILE B 112 12.00 15.67 -41.39
C ILE B 112 13.32 15.12 -41.91
N LYS B 113 13.73 13.94 -41.41
CA LYS B 113 14.97 13.26 -41.74
C LYS B 113 16.22 14.07 -41.40
N LYS B 114 16.10 15.14 -40.63
CA LYS B 114 17.26 15.79 -40.02
C LYS B 114 17.46 15.13 -38.66
N SER B 115 18.46 14.25 -38.56
CA SER B 115 18.62 13.47 -37.35
C SER B 115 18.99 14.35 -36.17
N GLY B 116 18.60 13.91 -34.98
CA GLY B 116 18.79 14.69 -33.78
C GLY B 116 17.67 14.53 -32.78
N GLY B 117 16.60 13.86 -33.17
CA GLY B 117 15.55 13.53 -32.23
C GLY B 117 14.63 14.71 -31.93
N HIS B 118 14.27 14.83 -30.65
CA HIS B 118 13.21 15.75 -30.25
C HIS B 118 13.56 17.19 -30.57
N TYR B 119 14.83 17.58 -30.39
CA TYR B 119 15.23 18.97 -30.57
C TYR B 119 15.02 19.40 -32.02
N THR B 120 15.51 18.61 -32.97
CA THR B 120 15.36 18.95 -34.38
C THR B 120 13.90 18.93 -34.80
N TYR B 121 13.07 18.12 -34.16
CA TYR B 121 11.65 18.07 -34.48
C TYR B 121 10.93 19.37 -34.13
N ILE B 122 11.57 20.26 -33.37
CA ILE B 122 11.01 21.55 -33.03
C ILE B 122 11.80 22.70 -33.67
N LEU B 123 13.07 22.44 -34.01
CA LEU B 123 13.93 23.50 -34.54
C LEU B 123 13.34 24.17 -35.77
N GLU B 124 12.84 23.39 -36.73
CA GLU B 124 12.41 23.95 -38.00
C GLU B 124 10.90 23.90 -38.22
N VAL B 125 10.16 23.13 -37.43
CA VAL B 125 8.71 23.17 -37.56
C VAL B 125 8.17 24.51 -37.09
N PHE B 126 8.82 25.10 -36.09
CA PHE B 126 8.42 26.39 -35.54
C PHE B 126 9.46 27.47 -35.82
N GLY B 127 10.71 27.20 -35.44
CA GLY B 127 11.76 28.18 -35.51
C GLY B 127 12.75 27.92 -34.39
N PRO B 128 13.94 28.53 -34.48
CA PRO B 128 14.95 28.28 -33.44
C PRO B 128 14.49 28.70 -32.06
N LEU B 129 13.62 29.72 -31.96
CA LEU B 129 13.27 30.26 -30.65
C LEU B 129 12.64 29.21 -29.74
N PRO B 130 11.64 28.44 -30.16
CA PRO B 130 11.18 27.35 -29.28
C PRO B 130 12.20 26.25 -29.13
N ALA B 131 13.14 26.11 -30.06
CA ALA B 131 14.12 25.03 -29.97
C ALA B 131 15.13 25.28 -28.86
N PHE B 132 15.64 26.50 -28.76
CA PHE B 132 16.53 26.84 -27.65
C PHE B 132 15.82 26.69 -26.32
N VAL B 133 14.55 27.11 -26.26
CA VAL B 133 13.82 26.95 -25.01
C VAL B 133 13.60 25.48 -24.72
N ARG B 134 13.45 24.65 -25.75
CA ARG B 134 13.31 23.21 -25.51
C ARG B 134 14.58 22.65 -24.87
N VAL B 135 15.75 22.99 -25.41
CA VAL B 135 17.00 22.51 -24.83
C VAL B 135 17.18 23.05 -23.42
N TRP B 136 16.93 24.35 -23.23
CA TRP B 136 17.00 24.98 -21.92
C TRP B 136 16.14 24.23 -20.92
N VAL B 137 14.87 24.02 -21.25
CA VAL B 137 13.95 23.44 -20.30
C VAL B 137 14.32 21.99 -20.04
N GLU B 138 14.76 21.26 -21.08
CA GLU B 138 15.13 19.88 -20.82
C GLU B 138 16.31 19.81 -19.86
N LEU B 139 17.40 20.50 -20.16
CA LEU B 139 18.60 20.39 -19.34
C LEU B 139 18.49 21.09 -18.00
N LEU B 140 17.46 21.89 -17.77
CA LEU B 140 17.28 22.49 -16.45
C LEU B 140 16.15 21.89 -15.64
N ILE B 141 15.24 21.14 -16.25
CA ILE B 141 14.09 20.63 -15.52
C ILE B 141 13.95 19.13 -15.74
N ILE B 142 13.94 18.71 -17.00
CA ILE B 142 13.44 17.38 -17.34
C ILE B 142 14.44 16.30 -16.93
N ARG B 143 15.63 16.34 -17.51
CA ARG B 143 16.61 15.30 -17.21
C ARG B 143 17.01 15.25 -15.74
N PRO B 144 17.32 16.36 -15.06
CA PRO B 144 17.61 16.28 -13.62
C PRO B 144 16.46 15.68 -12.84
N ALA B 145 15.25 16.17 -13.06
CA ALA B 145 14.11 15.67 -12.29
C ALA B 145 13.82 14.22 -12.62
N ALA B 146 13.92 13.83 -13.89
CA ALA B 146 13.67 12.44 -14.25
C ALA B 146 14.68 11.52 -13.59
N THR B 147 15.96 11.89 -13.63
CA THR B 147 16.97 11.07 -12.98
C THR B 147 16.74 11.00 -11.47
N ALA B 148 16.43 12.12 -10.84
CA ALA B 148 16.18 12.14 -9.40
C ALA B 148 14.91 11.42 -9.01
N VAL B 149 13.96 11.26 -9.93
CA VAL B 149 12.73 10.53 -9.63
C VAL B 149 12.95 9.03 -9.76
N ILE B 150 13.69 8.61 -10.78
CA ILE B 150 14.04 7.19 -10.86
C ILE B 150 14.90 6.78 -9.67
N SER B 151 15.88 7.62 -9.32
CA SER B 151 16.82 7.23 -8.30
C SER B 151 16.25 7.38 -6.89
N LEU B 152 15.30 8.28 -6.67
CA LEU B 152 14.64 8.32 -5.37
C LEU B 152 13.87 7.04 -5.08
N ALA B 153 13.44 6.31 -6.11
CA ALA B 153 12.86 4.99 -5.92
C ALA B 153 13.91 3.90 -5.83
N PHE B 154 14.99 4.01 -6.60
CA PHE B 154 16.08 3.05 -6.45
C PHE B 154 16.66 3.05 -5.04
N GLY B 155 16.87 4.23 -4.47
CA GLY B 155 17.39 4.33 -3.13
C GLY B 155 16.44 3.75 -2.09
N ARG B 156 15.14 3.89 -2.32
CA ARG B 156 14.18 3.28 -1.42
C ARG B 156 14.22 1.76 -1.52
N TYR B 157 14.19 1.22 -2.73
CA TYR B 157 14.11 -0.22 -2.90
C TYR B 157 15.43 -0.93 -2.64
N ILE B 158 16.54 -0.20 -2.56
CA ILE B 158 17.80 -0.82 -2.15
C ILE B 158 17.96 -0.83 -0.63
N LEU B 159 17.30 0.08 0.08
CA LEU B 159 17.29 0.07 1.54
C LEU B 159 16.16 -0.77 2.10
N GLU B 160 15.16 -1.12 1.29
CA GLU B 160 14.06 -1.95 1.79
C GLU B 160 14.50 -3.27 2.39
N PRO B 161 15.42 -4.05 1.79
CA PRO B 161 15.81 -5.31 2.45
C PRO B 161 16.36 -5.14 3.85
N PHE B 162 17.10 -4.06 4.10
CA PHE B 162 17.69 -3.87 5.43
C PHE B 162 16.66 -3.37 6.42
N PHE B 163 15.83 -2.41 6.03
CA PHE B 163 14.71 -1.94 6.84
C PHE B 163 13.48 -2.76 6.44
N ILE B 164 13.37 -3.95 7.03
CA ILE B 164 12.36 -4.90 6.59
C ILE B 164 10.95 -4.34 6.74
N GLN B 165 10.63 -3.80 7.91
CA GLN B 165 9.32 -3.21 8.17
C GLN B 165 9.44 -1.94 8.98
N CYS B 166 10.55 -1.23 8.80
CA CYS B 166 10.83 -0.03 9.58
C CYS B 166 10.65 1.21 8.71
N GLU B 167 10.66 2.36 9.37
CA GLU B 167 10.54 3.65 8.69
C GLU B 167 11.94 4.12 8.32
N ILE B 168 12.27 4.04 7.04
CA ILE B 168 13.59 4.45 6.56
C ILE B 168 13.69 5.97 6.73
N PRO B 169 14.73 6.48 7.39
CA PRO B 169 14.87 7.94 7.51
C PRO B 169 14.98 8.58 6.13
N GLU B 170 14.38 9.76 5.99
CA GLU B 170 14.31 10.42 4.69
C GLU B 170 15.68 10.80 4.15
N LEU B 171 16.69 10.89 5.02
CA LEU B 171 17.99 11.36 4.57
C LEU B 171 18.86 10.20 4.11
N ALA B 172 18.69 9.03 4.71
CA ALA B 172 19.43 7.85 4.25
C ALA B 172 19.07 7.53 2.80
N ILE B 173 17.78 7.65 2.45
CA ILE B 173 17.36 7.42 1.08
C ILE B 173 18.05 8.38 0.13
N LYS B 174 18.11 9.66 0.47
CA LYS B 174 18.76 10.63 -0.40
C LYS B 174 20.26 10.39 -0.52
N LEU B 175 20.92 10.01 0.58
CA LEU B 175 22.36 9.74 0.52
C LEU B 175 22.65 8.53 -0.36
N ILE B 176 21.88 7.44 -0.19
CA ILE B 176 22.06 6.29 -1.05
C ILE B 176 21.70 6.61 -2.49
N THR B 177 20.69 7.45 -2.71
CA THR B 177 20.34 7.88 -4.06
C THR B 177 21.49 8.61 -4.73
N ALA B 178 22.09 9.55 -4.01
CA ALA B 178 23.23 10.28 -4.55
C ALA B 178 24.43 9.37 -4.80
N VAL B 179 24.67 8.40 -3.92
CA VAL B 179 25.74 7.45 -4.15
C VAL B 179 25.47 6.64 -5.42
N GLY B 180 24.21 6.24 -5.63
CA GLY B 180 23.87 5.50 -6.83
C GLY B 180 24.06 6.32 -8.09
N ILE B 181 23.63 7.58 -8.06
CA ILE B 181 23.85 8.47 -9.19
C ILE B 181 25.33 8.61 -9.49
N THR B 182 26.13 8.82 -8.45
CA THR B 182 27.56 8.96 -8.67
C THR B 182 28.16 7.70 -9.26
N VAL B 183 27.73 6.53 -8.78
CA VAL B 183 28.24 5.28 -9.35
C VAL B 183 27.86 5.16 -10.81
N VAL B 184 26.61 5.48 -11.15
CA VAL B 184 26.16 5.36 -12.53
C VAL B 184 26.94 6.29 -13.44
N MET B 185 27.15 7.53 -13.01
CA MET B 185 27.86 8.48 -13.86
C MET B 185 29.34 8.17 -13.97
N VAL B 186 29.98 7.67 -12.91
CA VAL B 186 31.35 7.22 -13.06
C VAL B 186 31.42 6.04 -14.03
N LEU B 187 30.42 5.15 -13.98
CA LEU B 187 30.40 4.02 -14.89
C LEU B 187 30.24 4.48 -16.34
N ASN B 188 29.35 5.45 -16.58
CA ASN B 188 29.15 5.97 -17.93
C ASN B 188 30.33 6.79 -18.41
N SER B 189 31.11 7.38 -17.50
CA SER B 189 32.21 8.23 -17.88
C SER B 189 33.56 7.53 -17.95
N MET B 190 33.77 6.48 -17.15
CA MET B 190 35.06 5.80 -17.18
C MET B 190 35.19 4.93 -18.42
N SER B 191 34.15 4.19 -18.80
CA SER B 191 34.20 3.35 -19.99
C SER B 191 32.82 3.23 -20.58
N VAL B 192 32.77 2.86 -21.86
CA VAL B 192 31.52 2.77 -22.61
C VAL B 192 31.07 1.32 -22.78
N SER B 193 31.98 0.44 -23.19
CA SER B 193 31.64 -0.96 -23.41
C SER B 193 30.95 -1.55 -22.19
N TRP B 194 31.51 -1.30 -21.01
CA TRP B 194 30.93 -1.78 -19.77
C TRP B 194 29.74 -0.94 -19.32
N SER B 195 29.39 0.09 -20.08
CA SER B 195 28.12 0.78 -19.88
C SER B 195 27.04 0.28 -20.83
N ALA B 196 27.40 -0.57 -21.79
CA ALA B 196 26.44 -1.20 -22.68
C ALA B 196 26.15 -2.64 -22.31
N ARG B 197 27.20 -3.41 -21.96
CA ARG B 197 26.96 -4.78 -21.49
C ARG B 197 26.11 -4.78 -20.23
N ILE B 198 26.43 -3.89 -19.29
CA ILE B 198 25.65 -3.77 -18.07
C ILE B 198 24.23 -3.34 -18.40
N GLN B 199 24.08 -2.47 -19.40
CA GLN B 199 22.72 -2.05 -19.78
C GLN B 199 21.91 -3.21 -20.33
N ILE B 200 22.55 -4.10 -21.09
CA ILE B 200 21.84 -5.28 -21.59
C ILE B 200 21.39 -6.17 -20.43
N PHE B 201 22.31 -6.45 -19.52
CA PHE B 201 21.96 -7.29 -18.37
C PHE B 201 20.87 -6.64 -17.53
N LEU B 202 20.89 -5.32 -17.41
CA LEU B 202 19.87 -4.61 -16.65
C LEU B 202 18.54 -4.53 -17.38
N THR B 203 18.54 -4.53 -18.71
CA THR B 203 17.28 -4.67 -19.45
C THR B 203 16.66 -6.03 -19.18
N PHE B 204 17.48 -7.08 -19.17
CA PHE B 204 16.94 -8.39 -18.81
C PHE B 204 16.37 -8.38 -17.39
N CYS B 205 17.10 -7.80 -16.43
CA CYS B 205 16.60 -7.68 -15.07
C CYS B 205 15.41 -6.75 -14.94
N LYS B 206 15.20 -5.86 -15.91
CA LYS B 206 14.01 -5.03 -15.98
C LYS B 206 12.79 -5.79 -16.46
N LEU B 207 12.97 -6.67 -17.44
CA LEU B 207 11.89 -7.56 -17.85
C LEU B 207 11.51 -8.50 -16.71
N THR B 208 12.52 -9.07 -16.05
CA THR B 208 12.25 -9.95 -14.92
C THR B 208 11.57 -9.22 -13.78
N ALA B 209 11.86 -7.93 -13.59
CA ALA B 209 11.29 -7.16 -12.51
C ALA B 209 9.77 -7.01 -12.63
N ILE B 210 9.20 -7.20 -13.81
CA ILE B 210 7.76 -7.18 -13.98
C ILE B 210 7.18 -8.57 -14.21
N LEU B 211 7.95 -9.49 -14.78
CA LEU B 211 7.47 -10.87 -14.83
C LEU B 211 7.47 -11.54 -13.46
N ILE B 212 8.15 -10.95 -12.48
CA ILE B 212 8.13 -11.45 -11.12
C ILE B 212 6.94 -10.91 -10.33
N ILE B 213 6.15 -10.03 -10.93
CA ILE B 213 4.95 -9.50 -10.29
C ILE B 213 3.73 -10.00 -11.04
N ILE B 214 3.82 -10.05 -12.37
CA ILE B 214 2.68 -10.49 -13.17
C ILE B 214 2.33 -11.94 -12.86
N VAL B 215 3.34 -12.82 -12.82
CA VAL B 215 3.07 -14.24 -12.60
C VAL B 215 2.43 -14.50 -11.23
N PRO B 216 2.96 -14.01 -10.12
CA PRO B 216 2.24 -14.18 -8.85
C PRO B 216 0.97 -13.36 -8.77
N GLY B 217 0.76 -12.44 -9.71
CA GLY B 217 -0.45 -11.65 -9.71
C GLY B 217 -1.54 -12.23 -10.59
N VAL B 218 -1.19 -13.21 -11.42
CA VAL B 218 -2.18 -13.95 -12.18
C VAL B 218 -2.40 -15.34 -11.61
N MET B 219 -1.41 -15.90 -10.90
CA MET B 219 -1.61 -17.20 -10.26
C MET B 219 -2.66 -17.11 -9.16
N GLN B 220 -2.95 -15.90 -8.67
CA GLN B 220 -4.05 -15.72 -7.74
C GLN B 220 -5.34 -15.26 -8.42
N LEU B 221 -5.26 -14.75 -9.65
CA LEU B 221 -6.48 -14.55 -10.43
C LEU B 221 -7.08 -15.88 -10.90
N ILE B 222 -6.23 -16.82 -11.31
CA ILE B 222 -6.77 -18.13 -11.66
C ILE B 222 -7.38 -18.79 -10.44
N LYS B 223 -6.86 -18.51 -9.25
CA LYS B 223 -7.48 -18.97 -8.02
C LYS B 223 -8.81 -18.28 -7.78
N GLY B 224 -8.94 -17.02 -8.16
CA GLY B 224 -10.17 -16.29 -7.93
C GLY B 224 -10.08 -15.32 -6.77
N GLN B 225 -9.00 -14.56 -6.71
CA GLN B 225 -8.78 -13.61 -5.62
C GLN B 225 -9.29 -12.21 -5.95
N THR B 226 -10.36 -12.10 -6.71
CA THR B 226 -10.95 -10.81 -7.08
C THR B 226 -11.93 -10.38 -5.99
N GLN B 227 -11.45 -9.54 -5.07
CA GLN B 227 -12.32 -8.94 -4.06
C GLN B 227 -12.24 -7.42 -3.98
N ASN B 228 -11.12 -6.82 -4.40
CA ASN B 228 -11.00 -5.37 -4.35
C ASN B 228 -11.67 -4.67 -5.51
N PHE B 229 -12.15 -5.42 -6.51
CA PHE B 229 -12.70 -4.84 -7.72
C PHE B 229 -14.23 -4.74 -7.70
N LYS B 230 -14.87 -5.10 -6.60
CA LYS B 230 -16.33 -5.16 -6.57
C LYS B 230 -16.94 -3.78 -6.79
N ASP B 231 -16.44 -2.78 -6.07
CA ASP B 231 -16.91 -1.40 -6.19
C ASP B 231 -15.93 -0.54 -6.97
N ALA B 232 -15.36 -1.11 -8.04
CA ALA B 232 -14.25 -0.51 -8.77
C ALA B 232 -14.41 0.99 -8.99
N PHE B 233 -15.41 1.41 -9.75
CA PHE B 233 -15.60 2.82 -10.02
C PHE B 233 -16.30 3.51 -8.86
N SER B 234 -15.78 3.35 -7.65
CA SER B 234 -16.34 4.01 -6.48
C SER B 234 -15.26 4.09 -5.41
N GLY B 235 -15.26 5.20 -4.67
CA GLY B 235 -14.24 5.43 -3.66
C GLY B 235 -14.32 6.82 -3.07
N ARG B 236 -13.19 7.50 -2.98
CA ARG B 236 -13.15 8.85 -2.45
C ARG B 236 -13.69 9.83 -3.49
N ASP B 237 -13.60 11.12 -3.19
CA ASP B 237 -14.14 12.13 -4.10
C ASP B 237 -13.18 12.37 -5.26
N SER B 238 -11.98 12.87 -4.96
CA SER B 238 -10.90 13.06 -5.93
C SER B 238 -11.41 13.73 -7.21
N SER B 239 -11.83 14.98 -7.05
CA SER B 239 -12.45 15.72 -8.14
C SER B 239 -11.43 15.99 -9.24
N ILE B 240 -11.88 16.66 -10.30
CA ILE B 240 -11.04 16.95 -11.45
C ILE B 240 -9.81 17.76 -11.07
N THR B 241 -9.84 18.44 -9.92
CA THR B 241 -8.69 19.24 -9.51
C THR B 241 -7.45 18.38 -9.30
N ARG B 242 -7.62 17.08 -9.09
CA ARG B 242 -6.49 16.18 -8.91
C ARG B 242 -6.40 15.12 -9.99
N LEU B 243 -7.06 15.33 -11.12
CA LEU B 243 -6.97 14.41 -12.24
C LEU B 243 -5.72 14.64 -13.09
N PRO B 244 -5.34 15.89 -13.41
CA PRO B 244 -4.10 16.09 -14.19
C PRO B 244 -2.87 15.53 -13.51
N LEU B 245 -2.76 15.64 -12.19
CA LEU B 245 -1.58 15.13 -11.53
C LEU B 245 -1.52 13.61 -11.62
N ALA B 246 -2.66 12.94 -11.54
CA ALA B 246 -2.67 11.49 -11.75
C ALA B 246 -2.34 11.16 -13.20
N PHE B 247 -2.79 11.97 -14.14
CA PHE B 247 -2.36 11.84 -15.53
C PHE B 247 -0.84 11.89 -15.66
N TYR B 248 -0.20 12.75 -14.88
CA TYR B 248 1.25 12.85 -14.93
C TYR B 248 1.91 11.53 -14.56
N TYR B 249 1.47 10.91 -13.46
CA TYR B 249 2.00 9.59 -13.09
C TYR B 249 1.66 8.57 -14.16
N GLY B 250 0.46 8.64 -14.72
CA GLY B 250 0.03 7.64 -15.68
C GLY B 250 0.89 7.64 -16.93
N MET B 251 1.19 8.82 -17.47
CA MET B 251 2.01 8.89 -18.66
C MET B 251 3.50 8.85 -18.38
N TYR B 252 3.92 8.99 -17.12
CA TYR B 252 5.33 8.86 -16.82
C TYR B 252 5.80 7.42 -16.94
N ALA B 253 4.93 6.46 -16.65
CA ALA B 253 5.32 5.06 -16.73
C ALA B 253 5.69 4.68 -18.16
N TYR B 254 4.96 5.18 -19.14
CA TYR B 254 5.23 4.87 -20.54
C TYR B 254 6.27 5.82 -21.10
N ALA B 255 7.39 5.93 -20.41
CA ALA B 255 8.46 6.83 -20.80
C ALA B 255 9.55 6.07 -21.53
N GLY B 256 10.15 6.74 -22.51
CA GLY B 256 11.24 6.17 -23.30
C GLY B 256 11.08 6.40 -24.79
N TRP B 257 9.83 6.48 -25.27
CA TRP B 257 9.63 6.73 -26.68
C TRP B 257 10.02 8.14 -27.08
N PHE B 258 10.30 9.02 -26.11
CA PHE B 258 10.72 10.37 -26.44
C PHE B 258 12.08 10.33 -27.12
N TYR B 259 13.08 9.84 -26.39
CA TYR B 259 14.47 9.76 -26.85
C TYR B 259 14.71 8.46 -27.60
N LEU B 260 13.87 8.17 -28.59
CA LEU B 260 13.97 6.94 -29.36
C LEU B 260 14.12 7.35 -30.82
N ASN B 261 15.36 7.58 -31.23
CA ASN B 261 15.63 8.05 -32.57
C ASN B 261 15.29 6.95 -33.58
N PHE B 262 14.64 7.35 -34.66
CA PHE B 262 14.28 6.44 -35.74
C PHE B 262 15.00 6.83 -37.01
N VAL B 263 15.42 5.83 -37.77
CA VAL B 263 16.15 6.05 -39.01
C VAL B 263 15.43 5.31 -40.13
N THR B 264 15.22 6.02 -41.24
CA THR B 264 14.63 5.41 -42.43
C THR B 264 15.68 4.73 -43.31
N GLU B 265 16.95 5.07 -43.14
CA GLU B 265 18.00 4.47 -43.94
C GLU B 265 18.28 3.03 -43.52
N GLU B 266 18.21 2.75 -42.21
CA GLU B 266 18.54 1.41 -41.74
C GLU B 266 17.33 0.51 -41.63
N VAL B 267 16.19 1.05 -41.18
CA VAL B 267 15.03 0.22 -40.90
C VAL B 267 14.51 -0.38 -42.21
N GLU B 268 14.29 -1.69 -42.19
CA GLU B 268 13.95 -2.41 -43.41
C GLU B 268 12.53 -2.09 -43.85
N ASN B 269 12.37 -1.77 -45.12
CA ASN B 269 11.07 -1.48 -45.73
C ASN B 269 10.32 -0.41 -44.94
N PRO B 270 10.72 0.85 -45.04
CA PRO B 270 10.01 1.91 -44.31
C PRO B 270 8.61 2.09 -44.85
N GLU B 271 7.81 2.84 -44.09
CA GLU B 271 6.37 3.02 -44.31
C GLU B 271 5.63 1.76 -43.89
N LYS B 272 6.37 0.70 -43.58
CA LYS B 272 5.79 -0.55 -43.11
C LYS B 272 6.07 -0.79 -41.65
N THR B 273 7.34 -0.87 -41.25
CA THR B 273 7.72 -1.40 -39.96
C THR B 273 8.04 -0.33 -38.93
N ILE B 274 7.86 0.93 -39.26
CA ILE B 274 8.02 1.98 -38.24
C ILE B 274 6.72 2.13 -37.44
N PRO B 275 5.53 2.21 -38.08
CA PRO B 275 4.31 2.27 -37.28
C PRO B 275 3.83 0.89 -36.86
N LEU B 276 4.12 -0.12 -37.67
CA LEU B 276 3.78 -1.50 -37.35
C LEU B 276 4.67 -2.08 -36.29
N ALA B 277 5.63 -1.31 -35.77
CA ALA B 277 6.42 -1.73 -34.64
C ALA B 277 6.15 -0.89 -33.41
N ILE B 278 5.44 0.22 -33.53
CA ILE B 278 4.98 0.97 -32.38
C ILE B 278 3.54 0.64 -32.01
N CYS B 279 2.66 0.43 -33.00
CA CYS B 279 1.29 0.05 -32.69
C CYS B 279 1.23 -1.27 -31.96
N ILE B 280 1.98 -2.27 -32.44
CA ILE B 280 1.92 -3.62 -31.87
C ILE B 280 2.93 -3.79 -30.75
N SER B 281 3.57 -2.72 -30.31
CA SER B 281 4.50 -2.82 -29.20
C SER B 281 4.26 -1.79 -28.11
N MET B 282 3.34 -0.86 -28.31
CA MET B 282 2.78 -0.10 -27.21
C MET B 282 1.49 -0.71 -26.71
N ALA B 283 0.76 -1.45 -27.57
CA ALA B 283 -0.33 -2.26 -27.08
C ALA B 283 0.17 -3.34 -26.12
N ILE B 284 1.29 -3.97 -26.45
CA ILE B 284 1.86 -4.98 -25.56
C ILE B 284 2.23 -4.36 -24.22
N VAL B 285 2.86 -3.19 -24.26
CA VAL B 285 3.28 -2.55 -23.01
C VAL B 285 2.06 -2.10 -22.21
N THR B 286 1.03 -1.57 -22.89
CA THR B 286 -0.18 -1.17 -22.20
C THR B 286 -0.82 -2.35 -21.51
N ILE B 287 -0.90 -3.48 -22.21
CA ILE B 287 -1.46 -4.69 -21.61
C ILE B 287 -0.60 -5.13 -20.42
N GLY B 288 0.72 -5.09 -20.58
CA GLY B 288 1.59 -5.51 -19.49
C GLY B 288 1.40 -4.65 -18.25
N TYR B 289 1.33 -3.34 -18.42
CA TYR B 289 1.11 -2.44 -17.30
C TYR B 289 -0.27 -2.58 -16.70
N VAL B 290 -1.30 -2.79 -17.51
CA VAL B 290 -2.64 -3.01 -16.98
C VAL B 290 -2.68 -4.26 -16.13
N LEU B 291 -2.11 -5.36 -16.62
CA LEU B 291 -2.06 -6.58 -15.82
C LEU B 291 -1.19 -6.40 -14.58
N THR B 292 -0.13 -5.61 -14.66
CA THR B 292 0.69 -5.39 -13.48
C THR B 292 -0.09 -4.63 -12.41
N ASN B 293 -0.83 -3.60 -12.81
CA ASN B 293 -1.66 -2.89 -11.84
C ASN B 293 -2.79 -3.76 -11.31
N VAL B 294 -3.37 -4.63 -12.15
CA VAL B 294 -4.36 -5.56 -11.66
C VAL B 294 -3.75 -6.51 -10.62
N ALA B 295 -2.53 -6.97 -10.88
CA ALA B 295 -1.83 -7.81 -9.92
C ALA B 295 -1.61 -7.08 -8.61
N TYR B 296 -1.24 -5.80 -8.69
CA TYR B 296 -1.13 -4.98 -7.48
C TYR B 296 -2.46 -4.92 -6.74
N PHE B 297 -3.55 -4.72 -7.47
CA PHE B 297 -4.84 -4.46 -6.86
C PHE B 297 -5.50 -5.69 -6.26
N THR B 298 -5.26 -6.87 -6.83
CA THR B 298 -5.86 -8.07 -6.26
C THR B 298 -5.40 -8.33 -4.84
N THR B 299 -4.10 -8.14 -4.57
CA THR B 299 -3.58 -8.36 -3.23
C THR B 299 -3.79 -7.14 -2.33
N ILE B 300 -3.23 -6.01 -2.71
CA ILE B 300 -3.26 -4.82 -1.88
C ILE B 300 -4.56 -4.06 -2.12
N ASN B 301 -5.29 -3.80 -1.04
CA ASN B 301 -6.49 -2.99 -1.13
C ASN B 301 -6.09 -1.53 -1.35
N ALA B 302 -7.05 -0.70 -1.73
CA ALA B 302 -6.76 0.68 -2.09
C ALA B 302 -6.17 1.45 -0.91
N GLU B 303 -6.71 1.24 0.29
CA GLU B 303 -6.31 2.07 1.43
C GLU B 303 -4.87 1.80 1.84
N GLU B 304 -4.49 0.53 2.00
CA GLU B 304 -3.11 0.24 2.40
C GLU B 304 -2.13 0.38 1.25
N LEU B 305 -2.61 0.40 0.00
CA LEU B 305 -1.78 0.87 -1.09
C LEU B 305 -1.46 2.35 -0.93
N LEU B 306 -2.46 3.13 -0.50
CA LEU B 306 -2.27 4.57 -0.33
C LEU B 306 -1.26 4.86 0.77
N LEU B 307 -1.36 4.19 1.91
CA LEU B 307 -0.49 4.48 3.04
C LEU B 307 0.89 3.87 2.90
N SER B 308 1.10 2.99 1.92
CA SER B 308 2.40 2.37 1.76
C SER B 308 3.41 3.38 1.22
N ASN B 309 4.68 2.99 1.30
CA ASN B 309 5.78 3.79 0.78
C ASN B 309 6.37 3.21 -0.49
N ALA B 310 6.54 1.89 -0.54
CA ALA B 310 6.91 1.18 -1.76
C ALA B 310 5.90 0.07 -2.00
N VAL B 311 5.47 -0.10 -3.25
CA VAL B 311 4.38 -1.00 -3.55
C VAL B 311 4.89 -2.42 -3.77
N ALA B 312 5.97 -2.57 -4.54
CA ALA B 312 6.49 -3.89 -4.83
C ALA B 312 6.90 -4.63 -3.56
N VAL B 313 7.42 -3.93 -2.56
CA VAL B 313 7.82 -4.61 -1.33
C VAL B 313 6.61 -5.13 -0.58
N THR B 314 5.52 -4.36 -0.54
CA THR B 314 4.30 -4.84 0.11
C THR B 314 3.73 -6.05 -0.62
N PHE B 315 3.68 -5.97 -1.94
CA PHE B 315 3.18 -7.10 -2.72
C PHE B 315 4.03 -8.35 -2.47
N SER B 316 5.35 -8.19 -2.45
CA SER B 316 6.23 -9.32 -2.22
C SER B 316 6.02 -9.91 -0.82
N GLU B 317 6.02 -9.06 0.21
CA GLU B 317 5.90 -9.60 1.56
C GLU B 317 4.51 -10.16 1.81
N ARG B 318 3.52 -9.81 0.99
CA ARG B 318 2.20 -10.39 1.13
C ARG B 318 1.99 -11.62 0.27
N LEU B 319 2.85 -11.89 -0.72
CA LEU B 319 2.71 -13.11 -1.50
C LEU B 319 3.84 -14.11 -1.28
N LEU B 320 5.08 -13.72 -1.55
CA LEU B 320 6.20 -14.64 -1.57
C LEU B 320 6.75 -14.88 -0.17
N GLY B 321 7.48 -15.97 -0.02
CA GLY B 321 8.18 -16.24 1.22
C GLY B 321 9.59 -15.70 1.17
N ASN B 322 10.19 -15.76 -0.02
CA ASN B 322 11.49 -15.14 -0.28
C ASN B 322 11.32 -13.74 -0.85
N PHE B 323 10.57 -12.91 -0.14
CA PHE B 323 10.19 -11.61 -0.68
C PHE B 323 11.39 -10.65 -0.73
N SER B 324 12.09 -10.48 0.39
CA SER B 324 13.20 -9.54 0.42
C SER B 324 14.38 -10.04 -0.39
N LEU B 325 14.46 -11.34 -0.66
CA LEU B 325 15.57 -11.88 -1.43
C LEU B 325 15.50 -11.48 -2.89
N ALA B 326 14.30 -11.29 -3.43
CA ALA B 326 14.19 -11.18 -4.88
C ALA B 326 13.55 -9.88 -5.35
N VAL B 327 12.47 -9.44 -4.70
CA VAL B 327 11.68 -8.35 -5.27
C VAL B 327 12.38 -7.01 -5.06
N PRO B 328 12.76 -6.61 -3.82
CA PRO B 328 13.51 -5.36 -3.71
C PRO B 328 14.99 -5.58 -3.95
N ILE B 329 15.29 -6.45 -4.91
CA ILE B 329 16.58 -6.45 -5.59
C ILE B 329 16.43 -6.41 -7.10
N PHE B 330 15.39 -7.01 -7.65
CA PHE B 330 15.08 -6.85 -9.06
C PHE B 330 14.44 -5.51 -9.38
N VAL B 331 13.61 -4.98 -8.48
CA VAL B 331 13.12 -3.62 -8.70
C VAL B 331 14.28 -2.64 -8.63
N ALA B 332 15.22 -2.84 -7.72
CA ALA B 332 16.40 -1.99 -7.65
C ALA B 332 17.27 -2.13 -8.89
N LEU B 333 17.45 -3.34 -9.41
CA LEU B 333 18.20 -3.51 -10.64
C LEU B 333 17.51 -2.93 -11.86
N SER B 334 16.17 -2.87 -11.85
CA SER B 334 15.45 -2.19 -12.93
C SER B 334 15.53 -0.68 -12.82
N CYS B 335 15.44 -0.13 -11.61
CA CYS B 335 15.67 1.30 -11.45
C CYS B 335 17.09 1.69 -11.82
N PHE B 336 18.06 0.85 -11.48
CA PHE B 336 19.44 1.08 -11.89
C PHE B 336 19.60 1.02 -13.40
N GLY B 337 18.86 0.14 -14.08
CA GLY B 337 18.86 0.16 -15.53
C GLY B 337 18.21 1.41 -16.10
N SER B 338 17.16 1.90 -15.43
CA SER B 338 16.50 3.10 -15.91
C SER B 338 17.41 4.32 -15.79
N MET B 339 18.02 4.52 -14.62
CA MET B 339 18.91 5.67 -14.47
C MET B 339 20.14 5.52 -15.35
N ASN B 340 20.51 4.28 -15.68
CA ASN B 340 21.57 4.08 -16.65
C ASN B 340 21.15 4.51 -18.04
N GLY B 341 19.86 4.80 -18.23
CA GLY B 341 19.35 5.23 -19.51
C GLY B 341 19.69 6.67 -19.82
N GLY B 342 20.48 7.29 -18.95
CA GLY B 342 21.08 8.59 -19.24
C GLY B 342 22.36 8.41 -20.02
N VAL B 343 22.58 7.20 -20.52
CA VAL B 343 23.79 6.86 -21.26
C VAL B 343 23.70 7.53 -22.64
N PHE B 344 24.45 8.63 -22.81
CA PHE B 344 24.53 9.34 -24.08
C PHE B 344 23.19 9.88 -24.54
N ALA B 345 22.11 9.54 -23.83
CA ALA B 345 20.79 10.02 -24.23
C ALA B 345 20.75 11.53 -24.20
N VAL B 346 21.41 12.11 -23.19
CA VAL B 346 21.46 13.56 -23.06
C VAL B 346 22.60 14.12 -23.91
N SER B 347 23.71 13.37 -24.00
CA SER B 347 24.89 13.84 -24.74
C SER B 347 24.60 14.01 -26.22
N ARG B 348 23.78 13.13 -26.81
CA ARG B 348 23.37 13.36 -28.18
C ARG B 348 22.62 14.67 -28.33
N LEU B 349 21.80 15.01 -27.34
CA LEU B 349 21.12 16.29 -27.37
C LEU B 349 22.08 17.46 -27.28
N PHE B 350 23.11 17.38 -26.43
CA PHE B 350 24.17 18.38 -26.48
C PHE B 350 24.81 18.48 -27.86
N TYR B 351 25.17 17.33 -28.44
CA TYR B 351 25.85 17.36 -29.73
C TYR B 351 24.97 18.04 -30.79
N VAL B 352 23.69 17.68 -30.82
CA VAL B 352 22.79 18.25 -31.82
C VAL B 352 22.61 19.75 -31.58
N ALA B 353 22.37 20.15 -30.33
CA ALA B 353 22.10 21.55 -30.06
C ALA B 353 23.31 22.43 -30.32
N SER B 354 24.47 22.04 -29.79
CA SER B 354 25.65 22.90 -29.83
C SER B 354 26.14 23.15 -31.25
N ARG B 355 25.70 22.35 -32.22
CA ARG B 355 26.17 22.53 -33.60
C ARG B 355 25.74 23.88 -34.15
N GLU B 356 24.46 24.23 -33.99
CA GLU B 356 23.94 25.48 -34.54
C GLU B 356 23.86 26.58 -33.48
N GLY B 357 24.48 26.36 -32.32
CA GLY B 357 24.84 27.44 -31.43
C GLY B 357 23.96 27.65 -30.22
N HIS B 358 23.52 26.58 -29.58
CA HIS B 358 22.62 26.71 -28.45
C HIS B 358 23.29 26.33 -27.14
N LEU B 359 24.09 25.27 -27.16
CA LEU B 359 24.87 24.92 -25.99
C LEU B 359 26.34 25.29 -26.20
N PRO B 360 27.09 25.50 -25.10
CA PRO B 360 28.50 25.85 -25.25
C PRO B 360 29.29 24.76 -25.94
N GLU B 361 30.38 25.15 -26.59
CA GLU B 361 31.18 24.21 -27.36
C GLU B 361 31.81 23.16 -26.45
N ILE B 362 31.92 23.47 -25.16
CA ILE B 362 32.43 22.48 -24.20
C ILE B 362 31.55 21.24 -24.17
N LEU B 363 30.25 21.43 -24.10
CA LEU B 363 29.35 20.37 -23.69
C LEU B 363 29.13 19.30 -24.75
N SER B 364 29.86 19.31 -25.86
CA SER B 364 29.73 18.27 -26.88
C SER B 364 31.07 17.66 -27.24
N MET B 365 31.99 17.57 -26.28
CA MET B 365 33.28 16.95 -26.53
C MET B 365 33.39 15.63 -25.76
N ILE B 366 34.33 14.80 -26.20
CA ILE B 366 34.55 13.49 -25.62
C ILE B 366 35.99 13.39 -25.14
N HIS B 367 36.22 12.42 -24.25
CA HIS B 367 37.53 12.21 -23.65
C HIS B 367 38.58 11.96 -24.72
N VAL B 368 39.84 12.23 -24.39
CA VAL B 368 40.93 11.95 -25.33
C VAL B 368 41.01 10.45 -25.60
N ARG B 369 40.98 9.65 -24.55
CA ARG B 369 40.83 8.20 -24.61
C ARG B 369 39.84 7.82 -23.52
N LYS B 370 39.41 6.57 -23.52
CA LYS B 370 38.25 6.15 -22.74
C LYS B 370 37.05 6.98 -23.17
N HIS B 371 36.87 7.11 -24.50
CA HIS B 371 35.97 8.09 -25.08
C HIS B 371 34.57 8.03 -24.49
N THR B 372 34.18 9.07 -23.78
CA THR B 372 32.93 9.13 -23.04
C THR B 372 32.45 10.56 -23.02
N PRO B 373 31.17 10.80 -22.75
CA PRO B 373 30.70 12.19 -22.61
C PRO B 373 31.01 12.74 -21.23
N LEU B 374 32.30 12.94 -20.95
CA LEU B 374 32.70 13.46 -19.66
C LEU B 374 32.11 14.83 -19.33
N PRO B 375 32.15 15.83 -20.23
CA PRO B 375 31.57 17.13 -19.86
C PRO B 375 30.06 17.14 -19.85
N ALA B 376 29.40 16.13 -20.40
CA ALA B 376 27.95 16.08 -20.41
C ALA B 376 27.36 15.55 -19.10
N VAL B 377 28.17 14.98 -18.22
CA VAL B 377 27.68 14.42 -16.97
C VAL B 377 27.96 15.32 -15.77
N ILE B 378 28.99 16.16 -15.83
CA ILE B 378 29.33 17.02 -14.72
C ILE B 378 28.45 18.27 -14.76
N VAL B 379 27.53 18.30 -15.73
CA VAL B 379 26.49 19.32 -15.79
C VAL B 379 25.15 18.75 -15.36
N LEU B 380 24.92 17.46 -15.61
CA LEU B 380 23.69 16.81 -15.18
C LEU B 380 23.79 16.37 -13.73
N HIS B 381 25.01 16.28 -13.21
CA HIS B 381 25.20 15.77 -11.85
C HIS B 381 24.78 16.77 -10.77
N PRO B 382 25.34 17.98 -10.71
CA PRO B 382 24.95 18.87 -9.61
C PRO B 382 23.48 19.22 -9.62
N LEU B 383 22.89 19.36 -10.80
CA LEU B 383 21.46 19.62 -10.87
C LEU B 383 20.66 18.47 -10.29
N THR B 384 21.08 17.23 -10.58
CA THR B 384 20.40 16.07 -10.01
C THR B 384 20.50 16.09 -8.49
N MET B 385 21.68 16.41 -7.95
CA MET B 385 21.81 16.53 -6.51
C MET B 385 20.88 17.59 -5.94
N ILE B 386 20.81 18.75 -6.59
CA ILE B 386 19.94 19.81 -6.08
C ILE B 386 18.49 19.35 -6.06
N MET B 387 18.04 18.71 -7.15
CA MET B 387 16.66 18.25 -7.20
C MET B 387 16.38 17.20 -6.13
N LEU B 388 17.23 16.18 -6.02
CA LEU B 388 16.90 15.10 -5.09
C LEU B 388 17.10 15.53 -3.65
N PHE B 389 17.85 16.60 -3.41
CA PHE B 389 18.05 17.06 -2.04
C PHE B 389 17.12 18.18 -1.64
N SER B 390 16.43 18.82 -2.59
CA SER B 390 15.50 19.88 -2.25
C SER B 390 14.16 19.65 -2.93
N GLY B 391 13.65 18.43 -2.85
CA GLY B 391 12.39 18.12 -3.49
C GLY B 391 11.87 16.77 -3.05
N ASP B 392 10.59 16.55 -3.35
CA ASP B 392 9.90 15.30 -3.04
C ASP B 392 9.42 14.67 -4.33
N LEU B 393 9.34 13.34 -4.35
CA LEU B 393 8.97 12.63 -5.56
C LEU B 393 7.59 13.06 -6.05
N ASP B 394 6.65 13.26 -5.15
CA ASP B 394 5.33 13.76 -5.54
C ASP B 394 5.36 15.20 -6.04
N SER B 395 6.42 15.94 -5.72
CA SER B 395 6.57 17.31 -6.20
C SER B 395 7.63 17.46 -7.28
N LEU B 396 8.57 16.52 -7.37
CA LEU B 396 9.48 16.50 -8.51
C LEU B 396 8.82 16.00 -9.78
N LEU B 397 7.87 15.07 -9.68
CA LEU B 397 7.19 14.58 -10.87
C LEU B 397 6.29 15.61 -11.52
N ASN B 398 5.61 16.45 -10.73
CA ASN B 398 4.88 17.56 -11.33
C ASN B 398 5.82 18.52 -12.03
N PHE B 399 6.93 18.86 -11.39
CA PHE B 399 7.95 19.71 -11.98
C PHE B 399 8.46 19.13 -13.30
N LEU B 400 8.68 17.83 -13.32
CA LEU B 400 9.14 17.15 -14.53
C LEU B 400 8.08 17.22 -15.64
N SER B 401 6.88 16.71 -15.34
CA SER B 401 5.87 16.46 -16.36
C SER B 401 5.19 17.72 -16.85
N PHE B 402 5.20 18.81 -16.08
CA PHE B 402 4.69 20.04 -16.65
C PHE B 402 5.55 20.49 -17.81
N ALA B 403 6.85 20.58 -17.59
CA ALA B 403 7.78 21.04 -18.60
C ALA B 403 7.95 20.04 -19.73
N ARG B 404 7.83 18.74 -19.46
CA ARG B 404 7.88 17.76 -20.53
C ARG B 404 6.64 17.83 -21.40
N TRP B 405 5.47 17.74 -20.78
CA TRP B 405 4.24 17.62 -21.55
C TRP B 405 3.86 18.93 -22.22
N LEU B 406 4.25 20.08 -21.65
CA LEU B 406 3.99 21.33 -22.35
C LEU B 406 4.75 21.39 -23.67
N PHE B 407 6.03 21.04 -23.65
CA PHE B 407 6.88 21.12 -24.82
C PHE B 407 6.79 19.90 -25.71
N ILE B 408 5.98 18.91 -25.33
CA ILE B 408 5.58 17.85 -26.23
C ILE B 408 4.23 18.13 -26.87
N GLY B 409 3.27 18.66 -26.11
CA GLY B 409 2.04 19.11 -26.72
C GLY B 409 2.21 20.33 -27.61
N LEU B 410 3.29 21.08 -27.41
CA LEU B 410 3.67 22.11 -28.36
C LEU B 410 4.51 21.58 -29.49
N ALA B 411 4.95 20.32 -29.42
CA ALA B 411 5.71 19.71 -30.49
C ALA B 411 4.80 18.96 -31.46
N VAL B 412 4.03 18.00 -30.94
CA VAL B 412 3.10 17.25 -31.79
C VAL B 412 2.06 18.15 -32.39
N ALA B 413 1.76 19.29 -31.76
CA ALA B 413 0.92 20.28 -32.42
C ALA B 413 1.58 20.85 -33.65
N GLY B 414 2.90 20.68 -33.79
CA GLY B 414 3.56 21.08 -35.02
C GLY B 414 3.12 20.26 -36.20
N LEU B 415 2.84 18.97 -35.97
CA LEU B 415 2.35 18.12 -37.05
C LEU B 415 1.10 18.69 -37.68
N ILE B 416 0.14 19.11 -36.85
CA ILE B 416 -1.07 19.71 -37.35
C ILE B 416 -0.79 20.99 -38.13
N TYR B 417 0.40 21.57 -37.95
CA TYR B 417 0.83 22.71 -38.74
C TYR B 417 1.62 22.30 -39.98
N LEU B 418 2.53 21.34 -39.84
CA LEU B 418 3.34 20.92 -40.98
C LEU B 418 2.52 20.22 -42.03
N ARG B 419 1.43 19.55 -41.65
CA ARG B 419 0.57 18.90 -42.62
C ARG B 419 -0.25 19.89 -43.44
N TYR B 420 -0.56 21.05 -42.87
CA TYR B 420 -1.43 22.01 -43.55
C TYR B 420 -0.62 22.99 -44.42
N LYS B 421 0.31 23.71 -43.81
CA LYS B 421 1.12 24.67 -44.54
C LYS B 421 2.51 24.08 -44.78
N CYS B 422 2.99 24.21 -46.03
CA CYS B 422 4.15 23.51 -46.55
C CYS B 422 3.92 22.00 -46.53
N PRO B 423 3.01 21.48 -47.34
CA PRO B 423 2.71 20.05 -47.34
C PRO B 423 3.44 19.31 -48.46
N ASP B 424 3.26 17.98 -48.46
CA ASP B 424 3.66 17.11 -49.56
C ASP B 424 5.16 17.18 -49.82
N MET B 425 5.93 16.82 -48.79
CA MET B 425 7.39 16.79 -48.90
C MET B 425 7.90 15.52 -48.24
N HIS B 426 8.16 14.49 -49.05
CA HIS B 426 8.80 13.26 -48.61
C HIS B 426 8.15 12.71 -47.34
N ARG B 427 6.88 12.32 -47.50
CA ARG B 427 6.04 11.86 -46.39
C ARG B 427 5.77 10.37 -46.56
N PRO B 428 6.71 9.50 -46.14
CA PRO B 428 6.50 8.05 -46.29
C PRO B 428 5.36 7.57 -45.42
N PHE B 429 5.46 7.86 -44.13
CA PHE B 429 4.43 7.51 -43.17
C PHE B 429 3.47 8.69 -43.03
N LYS B 430 2.17 8.38 -42.87
CA LYS B 430 1.15 9.43 -42.85
C LYS B 430 0.06 9.02 -41.88
N VAL B 431 0.14 9.51 -40.65
CA VAL B 431 -0.92 9.25 -39.65
C VAL B 431 -2.15 10.08 -40.02
N PRO B 432 -3.35 9.57 -39.79
CA PRO B 432 -4.55 10.40 -39.97
C PRO B 432 -4.60 11.52 -38.96
N LEU B 433 -5.27 12.61 -39.34
CA LEU B 433 -5.29 13.80 -38.48
C LEU B 433 -6.31 13.65 -37.37
N PHE B 434 -6.27 12.52 -36.68
CA PHE B 434 -7.07 12.30 -35.48
C PHE B 434 -6.22 12.12 -34.25
N ILE B 435 -4.97 11.69 -34.41
CA ILE B 435 -4.06 11.38 -33.32
C ILE B 435 -3.33 12.64 -32.83
N PRO B 436 -2.75 13.46 -33.71
CA PRO B 436 -2.18 14.72 -33.21
C PRO B 436 -3.20 15.63 -32.55
N ALA B 437 -4.34 15.89 -33.20
CA ALA B 437 -5.35 16.70 -32.54
C ALA B 437 -6.20 15.82 -31.64
N LEU B 438 -5.55 14.92 -30.92
CA LEU B 438 -6.10 14.31 -29.72
C LEU B 438 -5.03 14.13 -28.67
N PHE B 439 -3.76 14.19 -29.05
CA PHE B 439 -2.65 14.19 -28.10
C PHE B 439 -2.22 15.60 -27.72
N SER B 440 -2.12 16.50 -28.70
CA SER B 440 -1.82 17.90 -28.40
C SER B 440 -2.88 18.48 -27.48
N PHE B 441 -4.14 18.29 -27.81
CA PHE B 441 -5.25 18.87 -27.08
C PHE B 441 -5.57 18.11 -25.82
N THR B 442 -4.77 17.12 -25.48
CA THR B 442 -4.81 16.50 -24.17
C THR B 442 -3.61 16.87 -23.32
N CYS B 443 -2.42 16.96 -23.90
CA CYS B 443 -1.29 17.51 -23.16
C CYS B 443 -1.56 18.95 -22.74
N LEU B 444 -2.00 19.79 -23.68
CA LEU B 444 -2.26 21.19 -23.40
C LEU B 444 -3.60 21.42 -22.72
N PHE B 445 -4.20 20.37 -22.17
CA PHE B 445 -5.37 20.52 -21.32
C PHE B 445 -5.22 19.82 -19.99
N MET B 446 -4.35 18.82 -19.87
CA MET B 446 -3.95 18.28 -18.59
C MET B 446 -2.75 19.02 -18.01
N VAL B 447 -2.11 19.90 -18.79
CA VAL B 447 -1.07 20.77 -18.29
C VAL B 447 -1.61 22.14 -17.92
N ALA B 448 -2.37 22.77 -18.81
CA ALA B 448 -2.99 24.05 -18.49
C ALA B 448 -3.90 23.94 -17.29
N LEU B 449 -4.50 22.78 -17.06
CA LEU B 449 -5.30 22.56 -15.85
C LEU B 449 -4.45 22.19 -14.65
N SER B 450 -3.17 21.86 -14.86
CA SER B 450 -2.27 21.56 -13.76
C SER B 450 -1.63 22.80 -13.16
N LEU B 451 -2.21 23.97 -13.41
CA LEU B 451 -1.84 25.20 -12.71
C LEU B 451 -2.93 25.68 -11.78
N TYR B 452 -4.19 25.41 -12.10
CA TYR B 452 -5.25 25.48 -11.09
C TYR B 452 -5.02 24.45 -9.99
N SER B 453 -4.16 23.46 -10.23
CA SER B 453 -3.86 22.40 -9.28
C SER B 453 -2.37 22.40 -9.02
N ASP B 454 -1.99 22.51 -7.75
CA ASP B 454 -0.59 22.43 -7.33
C ASP B 454 0.27 23.47 -8.06
N PRO B 455 0.09 24.76 -7.76
CA PRO B 455 0.87 25.80 -8.45
C PRO B 455 2.23 26.07 -7.83
N PHE B 456 2.59 25.43 -6.73
CA PHE B 456 3.89 25.68 -6.11
C PHE B 456 4.97 24.70 -6.54
N SER B 457 4.63 23.67 -7.31
CA SER B 457 5.63 22.82 -7.93
C SER B 457 5.57 22.84 -9.45
N THR B 458 4.43 23.14 -10.04
CA THR B 458 4.35 23.40 -11.47
C THR B 458 4.43 24.87 -11.81
N GLY B 459 4.08 25.76 -10.89
CA GLY B 459 4.28 27.17 -11.12
C GLY B 459 5.74 27.52 -11.28
N ILE B 460 6.61 26.92 -10.47
CA ILE B 460 8.04 27.17 -10.64
C ILE B 460 8.53 26.59 -11.96
N GLY B 461 7.98 25.45 -12.37
CA GLY B 461 8.33 24.91 -13.67
C GLY B 461 7.94 25.85 -14.80
N PHE B 462 6.74 26.42 -14.71
CA PHE B 462 6.31 27.40 -15.71
C PHE B 462 7.18 28.63 -15.68
N VAL B 463 7.60 29.07 -14.49
CA VAL B 463 8.48 30.23 -14.39
C VAL B 463 9.80 29.95 -15.09
N ILE B 464 10.37 28.77 -14.86
CA ILE B 464 11.64 28.42 -15.48
C ILE B 464 11.48 28.33 -16.99
N THR B 465 10.38 27.73 -17.46
CA THR B 465 10.14 27.68 -18.90
C THR B 465 10.02 29.08 -19.47
N LEU B 466 9.29 29.96 -18.79
CA LEU B 466 9.22 31.34 -19.22
C LEU B 466 10.57 32.02 -19.16
N THR B 467 11.43 31.60 -18.22
CA THR B 467 12.77 32.18 -18.15
C THR B 467 13.56 31.92 -19.42
N GLY B 468 13.20 30.87 -20.15
CA GLY B 468 13.85 30.63 -21.43
C GLY B 468 13.63 31.76 -22.42
N VAL B 469 12.49 32.44 -22.33
CA VAL B 469 12.22 33.54 -23.26
C VAL B 469 13.21 34.68 -23.08
N PRO B 470 13.50 35.18 -21.87
CA PRO B 470 14.65 36.08 -21.73
C PRO B 470 15.96 35.39 -22.05
N ALA B 471 16.14 34.16 -21.59
CA ALA B 471 17.41 33.43 -21.73
C ALA B 471 17.89 33.38 -23.17
N TYR B 472 17.09 33.83 -24.12
CA TYR B 472 17.52 34.05 -25.49
C TYR B 472 18.29 35.36 -25.64
N TYR B 473 18.82 35.93 -24.54
CA TYR B 473 19.82 36.98 -24.67
C TYR B 473 21.23 36.45 -24.64
N LEU B 474 21.43 35.24 -24.09
CA LEU B 474 22.71 34.57 -24.23
C LEU B 474 22.98 34.26 -25.70
N PHE B 475 21.95 33.85 -26.43
CA PHE B 475 22.13 33.51 -27.84
C PHE B 475 22.30 34.75 -28.70
N ILE B 476 21.55 35.81 -28.43
CA ILE B 476 21.65 37.06 -29.20
C ILE B 476 21.72 38.23 -28.23
N ILE B 477 22.67 39.13 -28.45
CA ILE B 477 22.84 40.34 -27.65
C ILE B 477 23.72 41.31 -28.43
N TRP B 478 23.52 42.60 -28.19
CA TRP B 478 24.25 43.62 -28.94
C TRP B 478 25.75 43.49 -28.74
N ASP B 479 26.17 43.26 -27.50
CA ASP B 479 27.57 43.04 -27.18
C ASP B 479 27.63 42.23 -25.90
N LYS B 480 28.54 41.27 -25.85
CA LYS B 480 28.68 40.39 -24.69
C LYS B 480 29.63 40.96 -23.65
N LYS B 481 30.10 42.20 -23.84
CA LYS B 481 31.03 42.82 -22.90
C LYS B 481 32.29 41.97 -22.80
N PRO B 482 33.18 42.03 -23.81
CA PRO B 482 34.33 41.12 -23.89
C PRO B 482 34.99 40.79 -22.57
N ARG B 483 35.38 41.82 -21.81
CA ARG B 483 36.02 41.56 -20.52
C ARG B 483 35.05 40.91 -19.55
N TRP B 484 33.76 41.21 -19.64
CA TRP B 484 32.88 40.88 -18.53
C TRP B 484 32.08 39.61 -18.75
N PHE B 485 31.89 39.16 -19.98
CA PHE B 485 31.41 37.79 -20.18
C PHE B 485 32.22 36.98 -21.17
N ARG B 486 32.79 37.57 -22.22
CA ARG B 486 33.54 36.78 -23.19
C ARG B 486 34.84 36.26 -22.61
N ILE B 487 35.53 37.09 -21.82
CA ILE B 487 36.80 36.67 -21.22
C ILE B 487 36.57 35.50 -20.27
N MET B 488 35.53 35.59 -19.42
CA MET B 488 35.20 34.46 -18.56
C MET B 488 34.72 33.25 -19.34
N SER B 489 33.99 33.44 -20.44
CA SER B 489 33.59 32.29 -21.26
C SER B 489 34.80 31.54 -21.79
N GLU B 490 35.76 32.27 -22.37
CA GLU B 490 36.99 31.64 -22.84
C GLU B 490 37.81 31.00 -21.74
N LYS B 491 37.95 31.66 -20.58
CA LYS B 491 38.73 31.09 -19.50
C LYS B 491 38.09 29.82 -18.96
N ILE B 492 36.76 29.83 -18.79
CA ILE B 492 36.08 28.63 -18.30
C ILE B 492 36.15 27.53 -19.35
N THR B 493 36.08 27.87 -20.64
CA THR B 493 36.24 26.87 -21.68
C THR B 493 37.62 26.21 -21.60
N ARG B 494 38.66 27.02 -21.48
CA ARG B 494 40.01 26.47 -21.34
C ARG B 494 40.10 25.57 -20.13
N THR B 495 39.70 26.06 -18.97
CA THR B 495 39.85 25.29 -17.74
C THR B 495 39.04 24.00 -17.80
N LEU B 496 37.84 24.06 -18.37
CA LEU B 496 36.97 22.89 -18.37
C LEU B 496 37.45 21.83 -19.33
N GLN B 497 37.99 22.21 -20.50
CA GLN B 497 38.49 21.15 -21.37
C GLN B 497 39.93 20.80 -21.07
N ILE B 498 40.60 21.50 -20.17
CA ILE B 498 41.95 21.10 -19.79
C ILE B 498 41.92 20.21 -18.55
N ILE B 499 41.01 20.48 -17.63
CA ILE B 499 40.83 19.60 -16.48
C ILE B 499 40.29 18.25 -16.89
N LEU B 500 39.21 18.23 -17.67
CA LEU B 500 38.59 16.95 -18.01
C LEU B 500 39.32 16.22 -19.11
N GLU B 501 40.25 16.87 -19.79
CA GLU B 501 40.99 16.29 -20.90
C GLU B 501 40.04 15.71 -21.95
N VAL B 502 39.17 16.57 -22.45
CA VAL B 502 38.19 16.19 -23.45
C VAL B 502 38.45 16.95 -24.75
N VAL B 503 38.12 16.30 -25.86
CA VAL B 503 38.39 16.83 -27.20
C VAL B 503 37.12 16.77 -28.03
N PRO B 504 37.02 17.59 -29.07
CA PRO B 504 35.84 17.54 -29.94
C PRO B 504 35.74 16.18 -30.64
N GLU B 505 34.50 15.83 -30.97
CA GLU B 505 34.16 14.51 -31.51
C GLU B 505 35.07 14.14 -32.68
N GLU B 506 34.94 14.86 -33.78
CA GLU B 506 35.85 14.66 -34.91
C GLU B 506 36.17 15.95 -35.65
N ASP B 507 35.69 17.10 -35.21
CA ASP B 507 35.87 18.34 -35.96
C ASP B 507 37.34 18.72 -36.07
C1 NAG C . -35.52 3.47 17.72
C2 NAG C . -36.57 2.69 18.55
C3 NAG C . -37.74 3.60 18.92
C4 NAG C . -37.22 4.82 19.65
C5 NAG C . -36.30 5.58 18.71
C6 NAG C . -35.71 6.82 19.34
C7 NAG C . -37.66 0.49 18.41
C8 NAG C . -38.10 -0.62 17.51
N2 NAG C . -37.04 1.52 17.82
O3 NAG C . -38.67 2.89 19.74
O4 NAG C . -38.30 5.65 20.10
O5 NAG C . -35.19 4.72 18.39
O6 NAG C . -35.42 6.65 20.71
O7 NAG C . -37.86 0.47 19.62
C1 NAG C . -38.35 5.48 21.54
C2 NAG C . -38.91 6.75 22.19
C3 NAG C . -39.06 6.55 23.69
C4 NAG C . -39.85 5.28 24.01
C5 NAG C . -39.21 4.10 23.30
C6 NAG C . -39.96 2.81 23.50
C7 NAG C . -38.52 9.03 21.40
C8 NAG C . -37.49 10.11 21.18
N2 NAG C . -38.06 7.89 21.91
O3 NAG C . -39.74 7.68 24.24
O4 NAG C . -39.87 5.05 25.42
O5 NAG C . -39.17 4.34 21.90
O6 NAG C . -39.11 1.77 23.97
O7 NAG C . -39.70 9.20 21.15
C1 NAG D . 0.89 -32.88 25.67
C2 NAG D . 2.03 -31.86 25.56
C3 NAG D . 3.09 -32.12 26.62
C4 NAG D . 2.45 -32.21 28.00
C5 NAG D . 1.24 -33.15 28.00
C6 NAG D . 0.46 -33.12 29.30
C7 NAG D . 3.20 -32.67 23.44
C8 NAG D . 3.37 -34.04 24.02
N2 NAG D . 2.59 -31.73 24.21
O3 NAG D . 4.04 -31.06 26.59
O4 NAG D . 3.40 -32.64 28.97
O5 NAG D . 0.31 -32.79 26.96
O6 NAG D . -0.69 -33.94 29.23
O7 NAG D . 3.61 -32.39 22.32
C1 NAG D . 4.31 -33.67 28.51
C2 NAG D . 5.43 -33.78 29.54
C3 NAG D . 6.41 -34.89 29.13
C4 NAG D . 5.66 -36.19 28.89
C5 NAG D . 4.55 -35.97 27.87
C6 NAG D . 3.70 -37.20 27.65
C7 NAG D . 6.84 -31.89 28.78
C8 NAG D . 7.48 -30.59 29.19
N2 NAG D . 6.14 -32.51 29.73
O3 NAG D . 7.38 -35.06 30.16
O4 NAG D . 6.56 -37.18 28.39
O5 NAG D . 3.67 -34.94 28.33
O6 NAG D . 4.50 -38.38 27.59
O7 NAG D . 6.96 -32.33 27.64
C1 NAG E . -22.91 -22.68 36.48
C2 NAG E . -22.56 -22.13 37.88
C3 NAG E . -23.10 -23.06 38.96
C4 NAG E . -24.58 -23.30 38.77
C5 NAG E . -24.84 -23.84 37.36
C6 NAG E . -26.31 -24.00 37.06
C7 NAG E . -20.59 -21.13 38.94
C8 NAG E . -19.09 -21.05 38.96
N2 NAG E . -21.12 -21.93 38.02
O3 NAG E . -22.87 -22.49 40.23
O4 NAG E . -25.10 -24.19 39.74
O5 NAG E . -24.32 -22.91 36.39
O6 NAG E . -27.08 -24.04 38.24
O7 NAG E . -21.28 -20.49 39.74
C1 NAG E . -24.41 -25.47 39.73
C2 NAG E . -24.14 -25.90 41.17
C3 NAG E . -23.46 -27.26 41.19
C4 NAG E . -24.27 -28.28 40.41
C5 NAG E . -24.56 -27.76 39.00
C6 NAG E . -25.50 -28.67 38.23
C7 NAG E . -23.85 -24.06 42.77
C8 NAG E . -22.88 -23.11 43.40
N2 NAG E . -23.34 -24.90 41.86
O3 NAG E . -23.30 -27.69 42.53
O4 NAG E . -23.57 -29.51 40.33
O5 NAG E . -25.20 -26.48 39.07
O6 NAG E . -26.82 -28.13 38.19
O7 NAG E . -25.03 -24.08 43.07
C1 NAG F . 0.47 -7.44 39.68
C2 NAG F . 1.38 -8.49 40.30
C3 NAG F . 2.83 -8.00 40.32
C4 NAG F . 2.92 -6.51 40.62
C5 NAG F . 2.07 -5.70 39.65
C6 NAG F . 2.90 -4.90 38.66
C7 NAG F . 1.19 -10.01 42.22
C8 NAG F . 0.66 -10.20 43.60
N2 NAG F . 0.94 -8.83 41.65
O3 NAG F . 3.44 -8.28 39.06
O4 NAG F . 2.46 -6.25 41.94
O5 NAG F . 1.24 -6.57 38.88
O6 NAG F . 2.54 -5.20 37.32
O7 NAG F . 1.81 -10.89 41.63
C1 NAG F . 3.49 -6.57 42.90
C2 NAG F . 4.04 -5.27 43.48
C3 NAG F . 5.08 -5.56 44.56
C4 NAG F . 4.51 -6.50 45.60
C5 NAG F . 3.96 -7.75 44.94
C6 NAG F . 3.28 -8.70 45.91
C7 NAG F . 4.23 -3.16 42.24
C8 NAG F . 4.91 -2.43 41.11
N2 NAG F . 4.61 -4.42 42.43
O3 NAG F . 5.48 -4.34 45.16
O4 NAG F . 5.52 -6.87 46.54
O5 NAG F . 2.98 -7.39 43.95
O6 NAG F . 1.90 -8.37 46.05
O7 NAG F . 3.37 -2.62 42.93
#